data_7T08
#
_entry.id   7T08
#
_cell.length_a   141.915
_cell.length_b   141.915
_cell.length_c   130.226
_cell.angle_alpha   90.000
_cell.angle_beta   90.000
_cell.angle_gamma   90.000
#
_symmetry.space_group_name_H-M   'P 43 21 2'
#
loop_
_entity.id
_entity.type
_entity.pdbx_description
1 polymer 'Protein farnesyltransferase/geranylgeranyltransferase type-1 subunit alpha'
2 polymer 'Protein farnesyltransferase subunit beta'
3 non-polymer 1,2-ETHANEDIOL
4 non-polymer 'ZINC ION'
5 non-polymer '(2R)-3-(cyclohexylamino)-2-hydroxypropane-1-sulfonic acid'
6 non-polymer 4-{[5-({(2S)-2-butyl-5-oxo-4-[3-(trifluoromethoxy)phenyl]piperazin-1-yl}methyl)-1H-imidazol-1-yl]methyl}-2-fluorobenzonitrile
7 non-polymer 'FARNESYL DIPHOSPHATE'
8 water water
#
loop_
_entity_poly.entity_id
_entity_poly.type
_entity_poly.pdbx_seq_one_letter_code
_entity_poly.pdbx_strand_id
1 'polypeptide(L)'
;MGSSHHHHHHSQDLMVTSTYIPMSQRRSWADVKPIMQDDGPNPVVPIMYSEEYKDAMDYFRAIAAKEEKSERALELTEII
VRMNPAHYTVWQYRFSLLTSLNKSLEDELRLMNEFAVQNLKSYQVWHHRLLLLDRISPQDPVSEIEYIHGSLLPDPKNYH
TWAYLHWLYSHFSTLGRISEAQWGSELDWCNEMLRVDGRNNSAWGWRWYLRVSRPGAETSSRSLQDELIYILKSIHLIPH
NVSAWNYLRGFLKHFSLPLVPILPAILPYTASKLNPDIETVEAFGFPMPSDPLPEDTPLPVPLALEYLADSFIEQNRVDD
AAKVFEKLSSEYDQMRAGYWEFRRRECAE
;
A
2 'polypeptide(L)'
;MATEFTPSVYSLVSKPLPSNSRPSATLDEQAETEDLISQLFDLTADPNALVSEHGKRYSGLRKQEHTQFLASSFFQLPGK
FVSLDASRPWLVFWTVHSLDLLGVALDQGTKDRVVSTLLHFLSPKGGFGGGPANSQIPHLLPTYASVCSLAIAGNDSSTG
GWKDLAAARQSIYEFFMRCKRPDGGFVVCEGGEVDVRGTYCLLVVATLLDIITPELLHNVDKFVSACQTYEGGFACASFP
FPSVVPSTSAFPTSEPSCRVSMAEAHGGYTSCSLNSHFLLTSVPLPSFPLSIDANAALRWTVLQQGEPIEGGGFRGRTNK
LVDGCYSWWVGGGAPVAEELVRREKSRKVKKSRIEVFEEEKEGDWEDVPPIPPIFNRVALQEFTLVAAQQDPGSTGGLRD
KPGKRPDQYHTCNNLSGLSIAQHKMSHSPSTVSSNRLKFDASKGLPAVKPVAPGGGWKNEDERQNARREIWANALGWIEE
EGGEIIVGGKDNRINTTTPVFNILGLRLKPFINYFYCQEN
;
B
#
loop_
_chem_comp.id
_chem_comp.type
_chem_comp.name
_chem_comp.formula
3FX non-polymer '(2R)-3-(cyclohexylamino)-2-hydroxypropane-1-sulfonic acid' 'C9 H19 N O4 S'
EDO non-polymer 1,2-ETHANEDIOL 'C2 H6 O2'
FPP non-polymer 'FARNESYL DIPHOSPHATE' 'C15 H28 O7 P2'
XO1 non-polymer 4-{[5-({(2S)-2-butyl-5-oxo-4-[3-(trifluoromethoxy)phenyl]piperazin-1-yl}methyl)-1H-imidazol-1-yl]methyl}-2-fluorobenzonitrile 'C27 H27 F4 N5 O2'
ZN non-polymer 'ZINC ION' 'Zn 2'
#
# COMPACT_ATOMS: atom_id res chain seq x y z
N THR A 19 6.34 -35.41 -25.79
CA THR A 19 6.32 -33.95 -25.76
C THR A 19 4.89 -33.41 -25.71
N TYR A 20 4.75 -32.12 -26.00
CA TYR A 20 3.47 -31.44 -25.89
C TYR A 20 2.60 -31.69 -27.13
N ILE A 21 1.32 -31.96 -26.89
CA ILE A 21 0.36 -32.16 -27.97
C ILE A 21 -0.51 -30.91 -28.07
N PRO A 22 -0.42 -30.13 -29.15
CA PRO A 22 -1.24 -28.93 -29.27
C PRO A 22 -2.72 -29.25 -29.19
N MET A 23 -3.49 -28.29 -28.70
CA MET A 23 -4.93 -28.50 -28.55
C MET A 23 -5.63 -28.62 -29.90
N SER A 24 -5.03 -28.05 -30.95
CA SER A 24 -5.57 -28.19 -32.30
C SER A 24 -5.59 -29.63 -32.78
N GLN A 25 -4.78 -30.50 -32.17
CA GLN A 25 -4.71 -31.90 -32.57
C GLN A 25 -5.43 -32.81 -31.59
N ARG A 26 -6.20 -32.24 -30.66
CA ARG A 26 -6.90 -33.03 -29.65
C ARG A 26 -8.35 -33.24 -30.07
N ARG A 27 -8.77 -34.52 -30.08
CA ARG A 27 -10.12 -34.86 -30.51
C ARG A 27 -11.17 -34.09 -29.70
N SER A 28 -10.95 -33.91 -28.40
CA SER A 28 -11.92 -33.27 -27.52
C SER A 28 -12.11 -31.77 -27.79
N TRP A 29 -11.23 -31.15 -28.58
CA TRP A 29 -11.28 -29.72 -28.82
C TRP A 29 -11.45 -29.38 -30.30
N ALA A 30 -11.81 -30.36 -31.14
CA ALA A 30 -11.77 -30.17 -32.58
C ALA A 30 -12.84 -29.20 -33.07
N ASP A 31 -13.94 -29.05 -32.33
CA ASP A 31 -15.00 -28.13 -32.72
C ASP A 31 -14.69 -26.68 -32.42
N VAL A 32 -13.58 -26.38 -31.74
CA VAL A 32 -13.33 -25.04 -31.22
C VAL A 32 -12.28 -24.36 -32.10
N LYS A 33 -12.62 -23.16 -32.59
CA LYS A 33 -11.67 -22.34 -33.32
C LYS A 33 -11.00 -21.37 -32.33
N PRO A 34 -9.70 -21.52 -32.07
CA PRO A 34 -9.04 -20.61 -31.12
C PRO A 34 -9.02 -19.18 -31.64
N ILE A 35 -8.89 -18.24 -30.69
CA ILE A 35 -8.90 -16.80 -30.96
C ILE A 35 -7.59 -16.23 -30.44
N MET A 36 -6.86 -15.53 -31.31
CA MET A 36 -5.56 -15.00 -30.95
C MET A 36 -5.69 -13.77 -30.05
N GLN A 37 -4.66 -13.53 -29.25
CA GLN A 37 -4.58 -12.32 -28.43
C GLN A 37 -4.54 -11.09 -29.33
N ASP A 38 -5.34 -10.07 -29.00
CA ASP A 38 -5.41 -8.87 -29.85
C ASP A 38 -4.91 -7.63 -29.11
N ASP A 39 -3.59 -7.42 -29.10
CA ASP A 39 -3.06 -6.17 -28.57
C ASP A 39 -2.42 -5.31 -29.65
N GLY A 40 -2.76 -5.55 -30.92
CA GLY A 40 -2.26 -4.73 -32.00
C GLY A 40 -1.00 -5.30 -32.64
N PRO A 41 -0.47 -4.58 -33.64
CA PRO A 41 0.64 -5.13 -34.44
C PRO A 41 2.02 -5.08 -33.79
N ASN A 42 2.28 -4.15 -32.86
CA ASN A 42 3.61 -3.98 -32.27
C ASN A 42 3.48 -3.50 -30.83
N PRO A 43 2.92 -4.32 -29.94
CA PRO A 43 2.66 -3.87 -28.57
C PRO A 43 3.93 -3.66 -27.76
N VAL A 44 3.86 -2.75 -26.78
CA VAL A 44 4.91 -2.62 -25.78
C VAL A 44 4.66 -3.66 -24.70
N VAL A 45 5.65 -3.84 -23.81
CA VAL A 45 5.75 -4.91 -22.79
C VAL A 45 5.18 -6.25 -23.25
N PRO A 46 5.55 -6.77 -24.43
CA PRO A 46 5.13 -8.12 -24.77
C PRO A 46 5.94 -9.15 -24.00
N ILE A 47 5.28 -10.27 -23.70
CA ILE A 47 5.88 -11.33 -22.90
C ILE A 47 6.08 -12.54 -23.80
N MET A 48 7.27 -13.16 -23.70
CA MET A 48 7.59 -14.32 -24.52
C MET A 48 6.94 -15.56 -23.88
N TYR A 49 5.74 -15.87 -24.32
CA TYR A 49 4.95 -16.93 -23.71
C TYR A 49 5.44 -18.32 -24.12
N SER A 50 5.29 -19.28 -23.21
CA SER A 50 5.51 -20.67 -23.58
C SER A 50 4.45 -21.13 -24.57
N GLU A 51 4.78 -22.19 -25.32
CA GLU A 51 3.79 -22.76 -26.23
C GLU A 51 2.54 -23.20 -25.48
N GLU A 52 2.72 -23.79 -24.30
CA GLU A 52 1.59 -24.29 -23.51
C GLU A 52 0.68 -23.16 -23.05
N TYR A 53 1.25 -22.04 -22.62
CA TYR A 53 0.45 -20.93 -22.12
C TYR A 53 -0.31 -20.24 -23.25
N LYS A 54 0.38 -19.96 -24.37
CA LYS A 54 -0.30 -19.33 -25.49
C LYS A 54 -1.44 -20.19 -26.01
N ASP A 55 -1.19 -21.49 -26.15
CA ASP A 55 -2.22 -22.41 -26.65
C ASP A 55 -3.44 -22.41 -25.72
N ALA A 56 -3.21 -22.47 -24.40
CA ALA A 56 -4.34 -22.51 -23.48
C ALA A 56 -5.14 -21.21 -23.52
N MET A 57 -4.45 -20.06 -23.57
CA MET A 57 -5.15 -18.78 -23.64
C MET A 57 -5.88 -18.60 -24.97
N ASP A 58 -5.29 -19.09 -26.07
CA ASP A 58 -5.96 -19.10 -27.37
C ASP A 58 -7.32 -19.80 -27.28
N TYR A 59 -7.36 -20.95 -26.62
CA TYR A 59 -8.63 -21.65 -26.48
C TYR A 59 -9.51 -21.05 -25.40
N PHE A 60 -8.93 -20.44 -24.36
CA PHE A 60 -9.77 -19.77 -23.37
C PHE A 60 -10.50 -18.59 -23.97
N ARG A 61 -9.83 -17.81 -24.83
CA ARG A 61 -10.51 -16.69 -25.49
C ARG A 61 -11.73 -17.17 -26.26
N ALA A 62 -11.63 -18.32 -26.94
CA ALA A 62 -12.75 -18.87 -27.68
C ALA A 62 -13.85 -19.37 -26.75
N ILE A 63 -13.46 -20.03 -25.66
CA ILE A 63 -14.44 -20.53 -24.68
C ILE A 63 -15.22 -19.37 -24.06
N ALA A 64 -14.49 -18.34 -23.62
CA ALA A 64 -15.14 -17.19 -23.00
C ALA A 64 -15.99 -16.41 -23.99
N ALA A 65 -15.56 -16.36 -25.26
CA ALA A 65 -16.35 -15.66 -26.28
C ALA A 65 -17.70 -16.34 -26.52
N LYS A 66 -17.72 -17.66 -26.58
CA LYS A 66 -18.99 -18.38 -26.74
C LYS A 66 -19.70 -18.60 -25.41
N GLU A 67 -19.11 -18.17 -24.28
CA GLU A 67 -19.71 -18.31 -22.95
C GLU A 67 -20.02 -19.77 -22.60
N GLU A 68 -19.12 -20.66 -22.97
CA GLU A 68 -19.30 -22.08 -22.69
C GLU A 68 -19.01 -22.37 -21.22
N LYS A 69 -19.97 -22.99 -20.54
CA LYS A 69 -19.79 -23.46 -19.17
C LYS A 69 -19.77 -24.99 -19.22
N SER A 70 -18.57 -25.58 -19.14
CA SER A 70 -18.43 -27.02 -19.37
C SER A 70 -17.28 -27.58 -18.54
N GLU A 71 -17.20 -28.91 -18.48
CA GLU A 71 -16.08 -29.57 -17.80
C GLU A 71 -14.74 -29.30 -18.51
N ARG A 72 -14.74 -29.28 -19.85
CA ARG A 72 -13.47 -29.00 -20.52
C ARG A 72 -13.02 -27.57 -20.25
N ALA A 73 -13.97 -26.63 -20.13
CA ALA A 73 -13.61 -25.27 -19.76
C ALA A 73 -13.05 -25.21 -18.35
N LEU A 74 -13.62 -25.99 -17.44
CA LEU A 74 -13.13 -26.03 -16.07
C LEU A 74 -11.70 -26.56 -16.03
N GLU A 75 -11.43 -27.66 -16.73
CA GLU A 75 -10.07 -28.17 -16.82
C GLU A 75 -9.12 -27.12 -17.39
N LEU A 76 -9.58 -26.40 -18.42
CA LEU A 76 -8.72 -25.41 -19.06
C LEU A 76 -8.34 -24.29 -18.09
N THR A 77 -9.31 -23.82 -17.28
CA THR A 77 -8.99 -22.74 -16.35
C THR A 77 -7.95 -23.20 -15.32
N GLU A 78 -8.03 -24.45 -14.86
CA GLU A 78 -7.02 -24.93 -13.91
C GLU A 78 -5.64 -24.96 -14.54
N ILE A 79 -5.54 -25.42 -15.79
CA ILE A 79 -4.26 -25.39 -16.49
C ILE A 79 -3.69 -23.98 -16.51
N ILE A 80 -4.54 -22.98 -16.75
CA ILE A 80 -4.04 -21.63 -16.92
C ILE A 80 -3.62 -21.03 -15.59
N VAL A 81 -4.43 -21.20 -14.53
CA VAL A 81 -4.04 -20.57 -13.28
C VAL A 81 -2.88 -21.28 -12.62
N ARG A 82 -2.59 -22.54 -12.98
CA ARG A 82 -1.37 -23.16 -12.49
C ARG A 82 -0.13 -22.48 -13.08
N MET A 83 -0.25 -21.99 -14.32
CA MET A 83 0.86 -21.28 -14.95
C MET A 83 0.92 -19.81 -14.54
N ASN A 84 -0.23 -19.18 -14.29
CA ASN A 84 -0.28 -17.80 -13.82
C ASN A 84 -1.35 -17.68 -12.75
N PRO A 85 -0.99 -17.91 -11.49
CA PRO A 85 -2.00 -17.84 -10.41
C PRO A 85 -2.59 -16.45 -10.19
N ALA A 86 -2.02 -15.40 -10.77
CA ALA A 86 -2.57 -14.04 -10.60
C ALA A 86 -3.55 -13.64 -11.70
N HIS A 87 -4.00 -14.58 -12.54
CA HIS A 87 -4.81 -14.27 -13.73
C HIS A 87 -6.28 -14.10 -13.33
N TYR A 88 -6.64 -12.88 -12.92
CA TYR A 88 -7.95 -12.66 -12.28
C TYR A 88 -9.11 -12.99 -13.22
N THR A 89 -8.96 -12.73 -14.52
CA THR A 89 -10.05 -13.01 -15.46
C THR A 89 -10.38 -14.50 -15.48
N VAL A 90 -9.36 -15.35 -15.45
CA VAL A 90 -9.60 -16.79 -15.53
C VAL A 90 -10.15 -17.32 -14.21
N TRP A 91 -9.72 -16.76 -13.08
CA TRP A 91 -10.33 -17.12 -11.79
C TRP A 91 -11.81 -16.71 -11.76
N GLN A 92 -12.13 -15.52 -12.26
CA GLN A 92 -13.54 -15.11 -12.31
C GLN A 92 -14.35 -16.10 -13.14
N TYR A 93 -13.82 -16.50 -14.29
CA TYR A 93 -14.50 -17.49 -15.12
C TYR A 93 -14.62 -18.82 -14.40
N ARG A 94 -13.54 -19.25 -13.73
CA ARG A 94 -13.58 -20.51 -13.00
C ARG A 94 -14.69 -20.53 -11.94
N PHE A 95 -14.83 -19.45 -11.16
CA PHE A 95 -15.87 -19.45 -10.13
C PHE A 95 -17.26 -19.53 -10.77
N SER A 96 -17.46 -18.84 -11.89
CA SER A 96 -18.77 -18.92 -12.53
C SER A 96 -19.02 -20.32 -13.09
N LEU A 97 -17.97 -21.02 -13.51
CA LEU A 97 -18.11 -22.43 -13.92
C LEU A 97 -18.55 -23.30 -12.74
N LEU A 98 -17.89 -23.13 -11.59
CA LEU A 98 -18.21 -23.93 -10.41
C LEU A 98 -19.67 -23.76 -10.01
N THR A 99 -20.18 -22.52 -10.03
CA THR A 99 -21.56 -22.30 -9.61
C THR A 99 -22.54 -22.71 -10.69
N SER A 100 -22.23 -22.45 -11.96
CA SER A 100 -23.15 -22.83 -13.04
C SER A 100 -23.32 -24.33 -13.14
N LEU A 101 -22.24 -25.09 -12.93
CA LEU A 101 -22.31 -26.54 -13.04
C LEU A 101 -22.59 -27.25 -11.72
N ASN A 102 -22.79 -26.50 -10.63
CA ASN A 102 -23.06 -27.08 -9.31
C ASN A 102 -21.97 -28.08 -8.92
N LYS A 103 -20.72 -27.68 -9.13
CA LYS A 103 -19.58 -28.50 -8.77
C LYS A 103 -19.40 -28.55 -7.26
N SER A 104 -18.73 -29.61 -6.79
CA SER A 104 -18.43 -29.75 -5.37
C SER A 104 -17.48 -28.63 -4.94
N LEU A 105 -17.97 -27.72 -4.10
CA LEU A 105 -17.07 -26.66 -3.62
C LEU A 105 -16.10 -27.18 -2.56
N GLU A 106 -16.41 -28.29 -1.90
CA GLU A 106 -15.46 -28.89 -0.96
C GLU A 106 -14.26 -29.49 -1.70
N ASP A 107 -14.48 -30.08 -2.89
CA ASP A 107 -13.37 -30.54 -3.70
C ASP A 107 -12.50 -29.37 -4.16
N GLU A 108 -13.12 -28.24 -4.50
CA GLU A 108 -12.33 -27.08 -4.89
C GLU A 108 -11.51 -26.55 -3.72
N LEU A 109 -12.03 -26.64 -2.49
CA LEU A 109 -11.23 -26.22 -1.34
C LEU A 109 -10.00 -27.08 -1.17
N ARG A 110 -10.13 -28.40 -1.38
CA ARG A 110 -8.96 -29.26 -1.33
C ARG A 110 -7.96 -28.88 -2.41
N LEU A 111 -8.44 -28.45 -3.57
CA LEU A 111 -7.53 -27.94 -4.61
C LEU A 111 -6.80 -26.68 -4.15
N MET A 112 -7.49 -25.79 -3.45
CA MET A 112 -6.82 -24.58 -2.96
C MET A 112 -5.78 -24.92 -1.88
N ASN A 113 -6.05 -25.94 -1.06
CA ASN A 113 -5.03 -26.43 -0.14
C ASN A 113 -3.81 -26.92 -0.89
N GLU A 114 -4.01 -27.61 -2.00
CA GLU A 114 -2.88 -28.10 -2.79
C GLU A 114 -2.11 -26.95 -3.41
N PHE A 115 -2.83 -25.90 -3.86
CA PHE A 115 -2.14 -24.73 -4.43
C PHE A 115 -1.20 -24.13 -3.41
N ALA A 116 -1.63 -24.01 -2.15
CA ALA A 116 -0.77 -23.45 -1.12
C ALA A 116 0.47 -24.30 -0.90
N VAL A 117 0.30 -25.62 -0.87
CA VAL A 117 1.42 -26.55 -0.72
C VAL A 117 2.41 -26.39 -1.87
N GLN A 118 1.90 -26.20 -3.09
CA GLN A 118 2.72 -26.08 -4.28
C GLN A 118 3.20 -24.65 -4.53
N ASN A 119 2.99 -23.75 -3.57
CA ASN A 119 3.46 -22.35 -3.64
C ASN A 119 2.89 -21.62 -4.85
N LEU A 120 1.64 -21.92 -5.19
CA LEU A 120 0.87 -21.16 -6.18
C LEU A 120 -0.03 -20.22 -5.39
N LYS A 121 0.28 -18.93 -5.42
CA LYS A 121 -0.35 -17.98 -4.51
C LYS A 121 -0.46 -16.60 -5.14
N SER A 122 -1.47 -15.85 -4.71
CA SER A 122 -1.80 -14.53 -5.21
C SER A 122 -3.00 -13.99 -4.42
N TYR A 123 -3.28 -12.69 -4.58
CA TYR A 123 -4.56 -12.15 -4.11
C TYR A 123 -5.73 -12.95 -4.67
N GLN A 124 -5.61 -13.41 -5.92
CA GLN A 124 -6.75 -14.02 -6.59
C GLN A 124 -7.09 -15.38 -6.00
N VAL A 125 -6.07 -16.17 -5.63
CA VAL A 125 -6.33 -17.46 -4.99
C VAL A 125 -6.96 -17.26 -3.61
N TRP A 126 -6.47 -16.28 -2.85
CA TRP A 126 -7.07 -16.01 -1.53
C TRP A 126 -8.52 -15.57 -1.66
N HIS A 127 -8.81 -14.72 -2.65
CA HIS A 127 -10.20 -14.28 -2.81
C HIS A 127 -11.09 -15.43 -3.29
N HIS A 128 -10.57 -16.27 -4.19
CA HIS A 128 -11.31 -17.48 -4.60
C HIS A 128 -11.68 -18.31 -3.38
N ARG A 129 -10.74 -18.50 -2.45
CA ARG A 129 -11.02 -19.25 -1.24
C ARG A 129 -12.14 -18.59 -0.42
N LEU A 130 -12.09 -17.25 -0.30
CA LEU A 130 -13.12 -16.54 0.44
C LEU A 130 -14.49 -16.75 -0.20
N LEU A 131 -14.57 -16.64 -1.53
CA LEU A 131 -15.86 -16.85 -2.21
C LEU A 131 -16.37 -18.27 -2.02
N LEU A 132 -15.47 -19.26 -1.94
CA LEU A 132 -15.91 -20.62 -1.67
C LEU A 132 -16.51 -20.73 -0.27
N LEU A 133 -15.83 -20.19 0.74
CA LEU A 133 -16.37 -20.29 2.10
C LEU A 133 -17.69 -19.57 2.24
N ASP A 134 -17.79 -18.40 1.60
CA ASP A 134 -19.05 -17.65 1.60
C ASP A 134 -20.18 -18.47 1.01
N ARG A 135 -19.93 -19.14 -0.11
CA ARG A 135 -21.01 -19.87 -0.79
C ARG A 135 -21.31 -21.20 -0.11
N ILE A 136 -20.29 -21.93 0.34
CA ILE A 136 -20.55 -23.15 1.14
C ILE A 136 -21.34 -22.78 2.39
N SER A 137 -20.97 -21.67 3.03
CA SER A 137 -21.61 -21.20 4.26
C SER A 137 -21.74 -22.32 5.30
N PRO A 138 -20.62 -22.88 5.75
CA PRO A 138 -20.68 -23.98 6.72
C PRO A 138 -21.38 -23.51 7.99
N GLN A 139 -22.15 -24.42 8.58
CA GLN A 139 -22.78 -24.05 9.83
C GLN A 139 -21.75 -23.95 10.96
N ASP A 140 -20.60 -24.63 10.84
CA ASP A 140 -19.52 -24.45 11.79
C ASP A 140 -18.18 -24.41 11.05
N PRO A 141 -17.49 -23.27 11.10
CA PRO A 141 -16.27 -23.12 10.28
C PRO A 141 -15.01 -23.62 10.97
N VAL A 142 -15.14 -24.47 12.00
CA VAL A 142 -13.97 -24.83 12.82
C VAL A 142 -12.88 -25.49 11.96
N SER A 143 -13.26 -26.33 11.00
CA SER A 143 -12.25 -27.03 10.20
C SER A 143 -11.44 -26.05 9.36
N GLU A 144 -12.09 -25.00 8.86
CA GLU A 144 -11.37 -24.00 8.08
C GLU A 144 -10.48 -23.16 8.97
N ILE A 145 -10.95 -22.81 10.17
CA ILE A 145 -10.13 -22.06 11.12
C ILE A 145 -8.84 -22.82 11.44
N GLU A 146 -8.97 -24.12 11.72
CA GLU A 146 -7.81 -24.93 12.05
C GLU A 146 -6.87 -25.10 10.86
N TYR A 147 -7.42 -25.21 9.66
CA TYR A 147 -6.56 -25.25 8.47
C TYR A 147 -5.74 -23.97 8.36
N ILE A 148 -6.39 -22.81 8.50
CA ILE A 148 -5.69 -21.54 8.36
C ILE A 148 -4.59 -21.42 9.40
N HIS A 149 -4.87 -21.83 10.64
CA HIS A 149 -3.85 -21.85 11.67
C HIS A 149 -2.62 -22.63 11.23
N GLY A 150 -2.81 -23.86 10.73
CA GLY A 150 -1.68 -24.67 10.31
C GLY A 150 -0.95 -24.09 9.11
N SER A 151 -1.67 -23.38 8.24
CA SER A 151 -1.07 -22.87 7.01
C SER A 151 -0.04 -21.77 7.27
N LEU A 152 -0.05 -21.19 8.47
CA LEU A 152 0.92 -20.16 8.82
C LEU A 152 2.31 -20.69 9.09
N LEU A 153 2.52 -22.02 9.10
CA LEU A 153 3.85 -22.56 9.43
C LEU A 153 4.97 -22.06 8.50
N PRO A 154 4.84 -22.08 7.17
CA PRO A 154 5.96 -21.56 6.34
C PRO A 154 6.14 -20.05 6.39
N ASP A 155 5.12 -19.28 6.74
CA ASP A 155 5.26 -17.82 6.89
C ASP A 155 4.25 -17.34 7.90
N PRO A 156 4.65 -17.22 9.18
CA PRO A 156 3.72 -16.81 10.24
C PRO A 156 3.27 -15.36 10.16
N LYS A 157 3.73 -14.57 9.18
CA LYS A 157 3.32 -13.18 9.03
C LYS A 157 2.62 -12.93 7.69
N ASN A 158 2.23 -13.97 6.97
CA ASN A 158 1.55 -13.83 5.69
C ASN A 158 0.34 -12.92 5.82
N TYR A 159 0.39 -11.76 5.15
CA TYR A 159 -0.63 -10.74 5.35
C TYR A 159 -2.00 -11.21 4.87
N HIS A 160 -2.04 -11.90 3.71
CA HIS A 160 -3.30 -12.42 3.19
C HIS A 160 -3.94 -13.38 4.17
N THR A 161 -3.13 -14.22 4.81
CA THR A 161 -3.68 -15.20 5.75
C THR A 161 -4.29 -14.52 6.97
N TRP A 162 -3.61 -13.52 7.54
CA TRP A 162 -4.17 -12.84 8.70
C TRP A 162 -5.43 -12.07 8.35
N ALA A 163 -5.47 -11.40 7.18
CA ALA A 163 -6.69 -10.71 6.76
C ALA A 163 -7.83 -11.69 6.53
N TYR A 164 -7.54 -12.84 5.92
CA TYR A 164 -8.56 -13.87 5.72
C TYR A 164 -9.11 -14.38 7.06
N LEU A 165 -8.23 -14.61 8.05
CA LEU A 165 -8.69 -15.07 9.35
C LEU A 165 -9.62 -14.06 10.02
N HIS A 166 -9.27 -12.76 9.95
CA HIS A 166 -10.18 -11.69 10.40
C HIS A 166 -11.53 -11.78 9.70
N TRP A 167 -11.52 -11.92 8.37
CA TRP A 167 -12.78 -12.00 7.62
C TRP A 167 -13.58 -13.22 8.04
N LEU A 168 -12.91 -14.36 8.22
CA LEU A 168 -13.61 -15.60 8.53
C LEU A 168 -14.37 -15.46 9.84
N TYR A 169 -13.72 -14.95 10.89
CA TYR A 169 -14.39 -14.78 12.17
C TYR A 169 -15.45 -13.68 12.11
N SER A 170 -15.21 -12.62 11.34
CA SER A 170 -16.18 -11.53 11.27
C SER A 170 -17.42 -11.97 10.50
N HIS A 171 -17.24 -12.59 9.36
CA HIS A 171 -18.36 -13.07 8.55
C HIS A 171 -19.20 -14.09 9.32
N PHE A 172 -18.56 -15.11 9.87
CA PHE A 172 -19.36 -16.14 10.52
C PHE A 172 -19.86 -15.73 11.90
N SER A 173 -19.22 -14.75 12.55
CA SER A 173 -19.84 -14.25 13.78
C SER A 173 -21.08 -13.40 13.48
N THR A 174 -21.12 -12.70 12.33
CA THR A 174 -22.35 -12.00 11.96
CA THR A 174 -22.34 -12.01 11.94
C THR A 174 -23.51 -12.97 11.76
N LEU A 175 -23.23 -14.18 11.27
CA LEU A 175 -24.24 -15.21 11.12
C LEU A 175 -24.55 -15.93 12.43
N GLY A 176 -23.89 -15.57 13.53
CA GLY A 176 -24.16 -16.18 14.81
C GLY A 176 -23.48 -17.52 15.02
N ARG A 177 -22.44 -17.84 14.25
CA ARG A 177 -21.91 -19.20 14.21
C ARG A 177 -20.58 -19.35 14.94
N ILE A 178 -20.11 -18.34 15.66
CA ILE A 178 -18.90 -18.48 16.48
C ILE A 178 -19.32 -18.55 17.94
N SER A 179 -19.09 -19.71 18.57
CA SER A 179 -19.46 -19.93 19.97
C SER A 179 -18.40 -19.34 20.92
N GLU A 180 -18.77 -19.23 22.20
CA GLU A 180 -17.83 -18.74 23.20
C GLU A 180 -16.62 -19.66 23.37
N ALA A 181 -16.81 -20.98 23.26
CA ALA A 181 -15.67 -21.88 23.31
C ALA A 181 -14.73 -21.63 22.14
N GLN A 182 -15.28 -21.35 20.96
CA GLN A 182 -14.43 -21.07 19.80
C GLN A 182 -13.60 -19.80 19.99
N TRP A 183 -14.22 -18.73 20.51
CA TRP A 183 -13.47 -17.50 20.81
C TRP A 183 -12.38 -17.76 21.84
N GLY A 184 -12.66 -18.59 22.83
CA GLY A 184 -11.69 -18.86 23.88
C GLY A 184 -10.48 -19.62 23.37
N SER A 185 -10.71 -20.62 22.50
CA SER A 185 -9.55 -21.35 21.97
C SER A 185 -8.77 -20.51 20.95
N GLU A 186 -9.42 -19.53 20.32
CA GLU A 186 -8.70 -18.61 19.44
C GLU A 186 -7.74 -17.72 20.23
N LEU A 187 -8.17 -17.24 21.40
CA LEU A 187 -7.23 -16.49 22.23
C LEU A 187 -6.09 -17.37 22.73
N ASP A 188 -6.39 -18.63 23.08
CA ASP A 188 -5.33 -19.56 23.47
C ASP A 188 -4.31 -19.74 22.36
N TRP A 189 -4.78 -19.89 21.12
CA TRP A 189 -3.87 -20.02 19.99
C TRP A 189 -3.06 -18.75 19.78
N CYS A 190 -3.71 -17.59 19.88
CA CYS A 190 -3.00 -16.33 19.73
C CYS A 190 -1.91 -16.18 20.79
N ASN A 191 -2.22 -16.53 22.04
CA ASN A 191 -1.24 -16.46 23.12
C ASN A 191 -0.03 -17.34 22.82
N GLU A 192 -0.26 -18.53 22.26
CA GLU A 192 0.85 -19.42 21.90
C GLU A 192 1.69 -18.84 20.76
N MET A 193 1.05 -18.23 19.75
CA MET A 193 1.82 -17.59 18.69
C MET A 193 2.76 -16.54 19.26
N LEU A 194 2.28 -15.73 20.22
CA LEU A 194 3.12 -14.69 20.79
C LEU A 194 4.13 -15.24 21.78
N ARG A 195 3.86 -16.40 22.38
CA ARG A 195 4.89 -17.07 23.19
C ARG A 195 6.05 -17.53 22.31
N VAL A 196 5.75 -18.09 21.13
CA VAL A 196 6.81 -18.58 20.25
C VAL A 196 7.58 -17.43 19.60
N ASP A 197 6.90 -16.32 19.27
CA ASP A 197 7.60 -15.14 18.75
C ASP A 197 6.85 -13.88 19.19
N GLY A 198 7.29 -13.30 20.30
CA GLY A 198 6.63 -12.10 20.79
C GLY A 198 6.80 -10.89 19.88
N ARG A 199 7.65 -10.99 18.86
CA ARG A 199 7.82 -9.91 17.91
C ARG A 199 6.93 -10.08 16.67
N ASN A 200 5.99 -11.03 16.68
CA ASN A 200 5.09 -11.19 15.54
C ASN A 200 3.97 -10.14 15.64
N ASN A 201 4.13 -9.02 14.93
CA ASN A 201 3.16 -7.94 14.99
C ASN A 201 1.81 -8.36 14.44
N SER A 202 1.77 -9.34 13.54
CA SER A 202 0.50 -9.84 13.02
C SER A 202 -0.34 -10.47 14.14
N ALA A 203 0.32 -11.18 15.05
CA ALA A 203 -0.42 -11.81 16.14
C ALA A 203 -0.85 -10.78 17.20
N TRP A 204 -0.05 -9.74 17.42
CA TRP A 204 -0.52 -8.61 18.23
C TRP A 204 -1.77 -7.99 17.62
N GLY A 205 -1.79 -7.78 16.30
CA GLY A 205 -2.99 -7.25 15.66
C GLY A 205 -4.20 -8.15 15.90
N TRP A 206 -3.99 -9.47 15.83
CA TRP A 206 -5.08 -10.42 16.06
C TRP A 206 -5.57 -10.34 17.51
N ARG A 207 -4.64 -10.22 18.47
CA ARG A 207 -5.06 -10.06 19.86
C ARG A 207 -5.96 -8.85 20.02
N TRP A 208 -5.64 -7.75 19.33
CA TRP A 208 -6.46 -6.54 19.42
C TRP A 208 -7.88 -6.81 18.94
N TYR A 209 -8.04 -7.57 17.86
CA TYR A 209 -9.38 -7.93 17.39
C TYR A 209 -10.10 -8.75 18.45
N LEU A 210 -9.42 -9.76 18.99
CA LEU A 210 -10.06 -10.68 19.93
C LEU A 210 -10.45 -10.00 21.23
N ARG A 211 -9.62 -9.06 21.69
CA ARG A 211 -9.81 -8.49 23.02
C ARG A 211 -10.44 -7.12 23.02
N VAL A 212 -10.32 -6.35 21.93
CA VAL A 212 -10.73 -4.94 21.93
C VAL A 212 -11.77 -4.63 20.86
N SER A 213 -11.47 -4.92 19.59
CA SER A 213 -12.26 -4.33 18.52
C SER A 213 -13.47 -5.16 18.07
N ARG A 214 -13.43 -6.49 18.19
CA ARG A 214 -14.57 -7.28 17.73
C ARG A 214 -15.82 -6.88 18.52
N PRO A 215 -17.00 -6.84 17.89
CA PRO A 215 -18.18 -6.32 18.60
C PRO A 215 -18.55 -7.09 19.85
N GLY A 216 -18.20 -8.38 19.93
CA GLY A 216 -18.59 -9.16 21.10
C GLY A 216 -17.64 -9.12 22.27
N ALA A 217 -16.52 -8.40 22.16
CA ALA A 217 -15.54 -8.38 23.24
C ALA A 217 -16.13 -7.79 24.51
N GLU A 218 -15.68 -8.32 25.65
CA GLU A 218 -16.07 -7.81 26.96
C GLU A 218 -15.26 -6.57 27.30
N THR A 219 -15.93 -5.56 27.84
CA THR A 219 -15.26 -4.40 28.44
C THR A 219 -15.76 -4.24 29.86
N SER A 220 -14.90 -4.56 30.83
CA SER A 220 -15.21 -4.46 32.24
C SER A 220 -13.94 -4.02 32.96
N SER A 221 -14.07 -3.69 34.25
CA SER A 221 -12.88 -3.31 35.01
C SER A 221 -11.91 -4.48 35.10
N ARG A 222 -12.44 -5.68 35.13
CA ARG A 222 -11.56 -6.86 35.21
C ARG A 222 -10.80 -7.06 33.91
N SER A 223 -11.50 -6.99 32.80
CA SER A 223 -10.84 -7.24 31.51
C SER A 223 -9.77 -6.19 31.23
N LEU A 224 -10.02 -4.95 31.63
CA LEU A 224 -9.02 -3.90 31.45
C LEU A 224 -7.79 -4.17 32.31
N GLN A 225 -8.01 -4.69 33.51
CA GLN A 225 -6.91 -5.03 34.39
C GLN A 225 -6.11 -6.21 33.84
N ASP A 226 -6.81 -7.26 33.39
CA ASP A 226 -6.13 -8.39 32.77
C ASP A 226 -5.30 -7.96 31.57
N GLU A 227 -5.88 -7.10 30.73
CA GLU A 227 -5.18 -6.72 29.51
C GLU A 227 -3.91 -5.94 29.82
N LEU A 228 -4.00 -4.99 30.76
CA LEU A 228 -2.82 -4.22 31.13
C LEU A 228 -1.73 -5.13 31.69
N ILE A 229 -2.10 -6.16 32.46
CA ILE A 229 -1.11 -7.07 33.00
C ILE A 229 -0.38 -7.80 31.87
N TYR A 230 -1.14 -8.29 30.88
CA TYR A 230 -0.53 -8.98 29.75
C TYR A 230 0.42 -8.06 28.99
N ILE A 231 0.02 -6.81 28.75
CA ILE A 231 0.87 -5.89 28.00
C ILE A 231 2.16 -5.62 28.76
N LEU A 232 2.05 -5.31 30.05
CA LEU A 232 3.24 -4.96 30.83
C LEU A 232 4.17 -6.15 30.99
N LYS A 233 3.62 -7.36 31.23
CA LYS A 233 4.46 -8.54 31.25
C LYS A 233 5.21 -8.72 29.93
N SER A 234 4.54 -8.42 28.81
CA SER A 234 5.18 -8.57 27.51
C SER A 234 6.33 -7.59 27.33
N ILE A 235 6.14 -6.34 27.78
CA ILE A 235 7.20 -5.35 27.71
C ILE A 235 8.39 -5.75 28.58
N HIS A 236 8.12 -6.25 29.80
CA HIS A 236 9.24 -6.62 30.67
C HIS A 236 10.00 -7.83 30.13
N LEU A 237 9.33 -8.70 29.37
CA LEU A 237 10.01 -9.81 28.72
C LEU A 237 10.90 -9.33 27.57
N ILE A 238 10.40 -8.40 26.74
CA ILE A 238 11.16 -7.89 25.61
C ILE A 238 11.10 -6.36 25.60
N PRO A 239 11.91 -5.67 26.40
CA PRO A 239 11.76 -4.21 26.52
C PRO A 239 11.92 -3.44 25.22
N HIS A 240 12.65 -3.97 24.25
CA HIS A 240 12.86 -3.26 23.00
C HIS A 240 11.88 -3.67 21.91
N ASN A 241 10.81 -4.40 22.26
CA ASN A 241 9.83 -4.86 21.28
C ASN A 241 8.84 -3.75 20.94
N VAL A 242 8.95 -3.20 19.72
CA VAL A 242 8.07 -2.11 19.30
C VAL A 242 6.60 -2.52 19.29
N SER A 243 6.32 -3.78 18.94
CA SER A 243 4.94 -4.26 18.90
C SER A 243 4.24 -4.09 20.24
N ALA A 244 4.93 -4.41 21.33
CA ALA A 244 4.35 -4.31 22.66
C ALA A 244 4.12 -2.86 23.08
N TRP A 245 5.07 -1.97 22.77
CA TRP A 245 4.90 -0.56 23.09
C TRP A 245 3.73 0.05 22.33
N ASN A 246 3.59 -0.27 21.04
CA ASN A 246 2.50 0.30 20.25
C ASN A 246 1.15 -0.20 20.77
N TYR A 247 1.08 -1.46 21.17
CA TYR A 247 -0.16 -2.00 21.70
C TYR A 247 -0.52 -1.30 23.02
N LEU A 248 0.47 -1.04 23.87
CA LEU A 248 0.22 -0.31 25.11
C LEU A 248 -0.32 1.09 24.83
N ARG A 249 0.32 1.83 23.92
CA ARG A 249 -0.15 3.19 23.66
C ARG A 249 -1.54 3.18 23.04
N GLY A 250 -1.81 2.24 22.13
CA GLY A 250 -3.13 2.17 21.55
C GLY A 250 -4.18 1.79 22.57
N PHE A 251 -3.81 0.89 23.48
CA PHE A 251 -4.73 0.46 24.54
C PHE A 251 -5.14 1.63 25.41
N LEU A 252 -4.16 2.38 25.94
CA LEU A 252 -4.46 3.49 26.83
C LEU A 252 -5.28 4.57 26.13
N LYS A 253 -4.92 4.88 24.88
CA LYS A 253 -5.65 5.89 24.13
C LYS A 253 -7.08 5.45 23.83
N HIS A 254 -7.27 4.20 23.42
CA HIS A 254 -8.59 3.73 23.04
C HIS A 254 -9.57 3.79 24.21
N PHE A 255 -9.11 3.45 25.40
CA PHE A 255 -9.96 3.44 26.58
C PHE A 255 -9.81 4.70 27.43
N SER A 256 -9.13 5.72 26.92
CA SER A 256 -8.97 7.01 27.62
C SER A 256 -8.40 6.80 29.02
N LEU A 257 -7.35 6.00 29.11
CA LEU A 257 -6.77 5.72 30.42
C LEU A 257 -5.55 6.58 30.65
N PRO A 258 -5.40 7.17 31.84
CA PRO A 258 -4.25 8.05 32.08
C PRO A 258 -2.93 7.28 32.09
N LEU A 259 -1.87 7.99 31.70
CA LEU A 259 -0.52 7.41 31.64
C LEU A 259 0.20 7.43 32.98
N VAL A 260 -0.03 8.47 33.79
CA VAL A 260 0.73 8.66 35.01
C VAL A 260 0.66 7.47 35.96
N PRO A 261 -0.52 6.90 36.27
CA PRO A 261 -0.54 5.81 37.27
C PRO A 261 0.31 4.60 36.90
N ILE A 262 0.62 4.41 35.62
CA ILE A 262 1.42 3.27 35.15
C ILE A 262 2.90 3.58 35.09
N LEU A 263 3.28 4.85 35.26
CA LEU A 263 4.67 5.29 35.14
C LEU A 263 5.66 4.46 35.96
N PRO A 264 5.35 3.96 37.17
CA PRO A 264 6.33 3.12 37.88
C PRO A 264 6.86 1.94 37.08
N ALA A 265 6.03 1.31 36.25
CA ALA A 265 6.49 0.19 35.44
C ALA A 265 7.33 0.63 34.24
N ILE A 266 7.30 1.91 33.89
CA ILE A 266 7.97 2.42 32.70
C ILE A 266 9.27 3.12 33.05
N LEU A 267 9.30 3.84 34.18
CA LEU A 267 10.45 4.68 34.52
C LEU A 267 11.79 3.96 34.50
N PRO A 268 11.92 2.69 34.93
CA PRO A 268 13.24 2.03 34.85
C PRO A 268 13.82 1.96 33.45
N TYR A 269 13.01 2.10 32.39
CA TYR A 269 13.56 2.06 31.05
C TYR A 269 13.99 3.42 30.53
N THR A 270 13.91 4.47 31.36
CA THR A 270 14.22 5.83 30.92
C THR A 270 15.53 6.37 31.49
N ALA A 271 16.27 5.55 32.23
CA ALA A 271 17.46 6.01 32.95
C ALA A 271 18.53 6.55 32.00
N PHE A 286 0.78 -3.73 39.68
CA PHE A 286 0.93 -4.17 38.30
C PHE A 286 2.37 -4.63 38.05
N PRO A 287 2.56 -5.47 37.03
CA PRO A 287 3.90 -6.06 36.80
C PRO A 287 4.99 -5.00 36.72
N MET A 288 6.12 -5.30 37.33
CA MET A 288 7.28 -4.44 37.39
C MET A 288 8.46 -5.08 36.65
N PRO A 289 9.43 -4.29 36.19
CA PRO A 289 10.58 -4.86 35.48
C PRO A 289 11.40 -5.77 36.39
N SER A 290 12.21 -6.61 35.75
CA SER A 290 13.11 -7.49 36.49
C SER A 290 14.13 -6.65 37.26
N ASP A 291 14.40 -7.05 38.51
CA ASP A 291 15.28 -6.28 39.39
C ASP A 291 16.66 -6.08 38.76
N PRO A 292 17.39 -7.12 38.31
CA PRO A 292 18.36 -6.87 37.23
C PRO A 292 17.63 -7.00 35.90
N LEU A 293 17.69 -5.97 35.06
CA LEU A 293 17.07 -6.07 33.76
C LEU A 293 17.72 -7.22 32.98
N PRO A 294 17.00 -7.82 32.04
CA PRO A 294 17.62 -8.85 31.20
C PRO A 294 18.86 -8.33 30.50
N GLU A 295 19.81 -9.23 30.24
CA GLU A 295 21.00 -8.84 29.51
C GLU A 295 20.63 -8.33 28.12
N ASP A 296 21.54 -7.57 27.53
CA ASP A 296 21.37 -6.98 26.20
C ASP A 296 20.13 -6.09 26.16
N THR A 297 20.05 -5.17 27.13
CA THR A 297 18.96 -4.21 27.25
C THR A 297 19.55 -2.83 27.51
N PRO A 298 20.14 -2.21 26.49
CA PRO A 298 20.72 -0.88 26.69
C PRO A 298 19.64 0.16 26.95
N LEU A 299 19.98 1.12 27.80
CA LEU A 299 19.04 2.16 28.22
C LEU A 299 19.49 3.52 27.73
N PRO A 300 18.56 4.47 27.52
CA PRO A 300 17.11 4.28 27.68
C PRO A 300 16.45 3.66 26.45
N VAL A 301 15.25 3.13 26.65
CA VAL A 301 14.41 2.64 25.57
C VAL A 301 13.67 3.83 24.97
N PRO A 302 13.86 4.15 23.69
CA PRO A 302 13.25 5.37 23.14
C PRO A 302 11.74 5.46 23.32
N LEU A 303 11.00 4.37 23.14
CA LEU A 303 9.55 4.49 23.31
C LEU A 303 9.17 4.63 24.78
N ALA A 304 10.05 4.27 25.71
CA ALA A 304 9.82 4.62 27.11
C ALA A 304 9.97 6.12 27.34
N LEU A 305 10.93 6.76 26.67
CA LEU A 305 11.05 8.20 26.76
C LEU A 305 9.81 8.88 26.17
N GLU A 306 9.30 8.38 25.04
CA GLU A 306 8.07 8.94 24.48
C GLU A 306 6.93 8.84 25.48
N TYR A 307 6.82 7.70 26.16
CA TYR A 307 5.82 7.56 27.22
C TYR A 307 6.01 8.63 28.30
N LEU A 308 7.24 8.80 28.77
CA LEU A 308 7.51 9.80 29.81
C LEU A 308 7.12 11.20 29.34
N ALA A 309 7.55 11.57 28.14
CA ALA A 309 7.20 12.89 27.61
C ALA A 309 5.69 13.08 27.55
N ASP A 310 4.98 12.09 27.00
CA ASP A 310 3.53 12.18 26.94
C ASP A 310 2.92 12.23 28.34
N SER A 311 3.54 11.57 29.32
CA SER A 311 3.07 11.65 30.70
C SER A 311 3.22 13.06 31.24
N PHE A 312 4.35 13.72 30.95
CA PHE A 312 4.52 15.11 31.36
C PHE A 312 3.44 15.99 30.74
N ILE A 313 3.12 15.76 29.47
CA ILE A 313 2.08 16.54 28.81
C ILE A 313 0.73 16.30 29.47
N GLU A 314 0.45 15.05 29.86
CA GLU A 314 -0.75 14.76 30.63
C GLU A 314 -0.80 15.55 31.92
N GLN A 315 0.36 15.80 32.54
CA GLN A 315 0.45 16.60 33.75
C GLN A 315 0.57 18.08 33.47
N ASN A 316 0.48 18.50 32.21
CA ASN A 316 0.58 19.90 31.82
C ASN A 316 1.95 20.49 32.14
N ARG A 317 2.97 19.64 32.22
CA ARG A 317 4.36 20.09 32.42
C ARG A 317 5.07 20.11 31.07
N VAL A 318 4.70 21.11 30.26
CA VAL A 318 5.15 21.18 28.87
C VAL A 318 6.66 21.35 28.77
N ASP A 319 7.27 22.05 29.73
CA ASP A 319 8.72 22.24 29.66
C ASP A 319 9.46 20.94 29.95
N ASP A 320 8.96 20.15 30.90
CA ASP A 320 9.58 18.85 31.14
C ASP A 320 9.44 17.93 29.93
N ALA A 321 8.26 17.91 29.30
CA ALA A 321 8.09 17.15 28.07
C ALA A 321 9.03 17.62 26.98
N ALA A 322 9.17 18.94 26.82
CA ALA A 322 10.06 19.47 25.79
C ALA A 322 11.49 19.00 25.98
N LYS A 323 11.93 18.92 27.23
CA LYS A 323 13.30 18.47 27.49
C LYS A 323 13.48 17.00 27.10
N VAL A 324 12.44 16.17 27.27
CA VAL A 324 12.57 14.77 26.88
C VAL A 324 12.57 14.63 25.36
N PHE A 325 11.70 15.38 24.68
CA PHE A 325 11.70 15.37 23.22
C PHE A 325 13.04 15.84 22.67
N GLU A 326 13.66 16.83 23.32
CA GLU A 326 14.94 17.35 22.85
C GLU A 326 16.03 16.28 22.94
N LYS A 327 16.01 15.47 24.02
CA LYS A 327 16.98 14.39 24.15
C LYS A 327 16.72 13.26 23.16
N LEU A 328 15.45 12.96 22.90
CA LEU A 328 15.13 12.01 21.84
C LEU A 328 15.68 12.48 20.50
N SER A 329 15.53 13.78 20.20
CA SER A 329 15.94 14.34 18.93
C SER A 329 17.46 14.36 18.76
N SER A 330 18.18 14.75 19.81
CA SER A 330 19.62 14.96 19.68
C SER A 330 20.47 13.79 20.17
N GLU A 331 19.93 12.91 21.02
CA GLU A 331 20.75 11.86 21.63
C GLU A 331 20.22 10.46 21.34
N TYR A 332 18.97 10.17 21.66
CA TYR A 332 18.58 8.78 21.85
C TYR A 332 17.82 8.16 20.68
N ASP A 333 17.22 8.97 19.80
CA ASP A 333 16.49 8.44 18.64
C ASP A 333 16.76 9.33 17.42
N GLN A 334 18.04 9.53 17.11
CA GLN A 334 18.45 10.57 16.15
C GLN A 334 17.95 10.33 14.72
N MET A 335 17.60 9.10 14.33
CA MET A 335 17.00 8.92 13.02
C MET A 335 15.73 9.74 12.87
N ARG A 336 15.00 9.94 13.96
CA ARG A 336 13.78 10.75 13.96
C ARG A 336 14.02 12.15 14.54
N ALA A 337 15.22 12.71 14.31
CA ALA A 337 15.58 13.99 14.94
C ALA A 337 14.57 15.08 14.61
N GLY A 338 14.09 15.12 13.36
CA GLY A 338 13.17 16.18 12.96
C GLY A 338 11.77 15.99 13.55
N TYR A 339 11.29 14.76 13.58
CA TYR A 339 9.99 14.50 14.20
C TYR A 339 10.00 14.89 15.67
N TRP A 340 11.04 14.48 16.41
CA TRP A 340 11.09 14.81 17.83
C TRP A 340 11.29 16.30 18.06
N GLU A 341 11.98 16.99 17.14
CA GLU A 341 12.05 18.44 17.23
C GLU A 341 10.70 19.08 16.98
N PHE A 342 9.94 18.55 16.02
CA PHE A 342 8.57 18.99 15.80
C PHE A 342 7.75 18.86 17.08
N ARG A 343 7.86 17.72 17.75
CA ARG A 343 7.12 17.53 19.00
C ARG A 343 7.62 18.48 20.09
N ARG A 344 8.94 18.72 20.16
CA ARG A 344 9.45 19.68 21.12
C ARG A 344 8.84 21.06 20.90
N ARG A 345 8.81 21.52 19.65
CA ARG A 345 8.31 22.86 19.37
C ARG A 345 6.83 22.98 19.71
N GLU A 346 6.05 21.92 19.49
CA GLU A 346 4.64 21.94 19.84
C GLU A 346 4.42 22.21 21.32
N CYS A 347 5.39 21.91 22.18
CA CYS A 347 5.22 22.18 23.60
C CYS A 347 5.12 23.67 23.91
N ALA A 348 5.47 24.54 22.98
CA ALA A 348 5.39 25.99 23.19
C ALA A 348 4.19 26.60 22.46
N ALA B 2 19.42 23.27 6.70
CA ALA B 2 18.51 22.41 5.91
C ALA B 2 18.63 20.95 6.36
N THR B 3 19.80 20.54 6.85
CA THR B 3 20.07 19.14 7.28
C THR B 3 20.42 19.02 8.78
N GLU B 4 20.09 20.00 9.61
CA GLU B 4 20.42 19.90 11.06
C GLU B 4 19.73 18.70 11.72
N PHE B 5 18.54 18.41 11.26
CA PHE B 5 17.71 17.38 11.83
C PHE B 5 17.59 16.16 10.91
N THR B 6 18.46 16.03 9.93
CA THR B 6 18.49 14.88 9.02
C THR B 6 19.93 14.35 8.98
N PRO B 7 20.38 13.68 10.04
CA PRO B 7 21.78 13.23 10.09
C PRO B 7 22.05 12.09 9.12
N SER B 8 23.24 12.12 8.54
CA SER B 8 23.69 11.04 7.67
C SER B 8 23.88 9.75 8.46
N VAL B 9 23.57 8.63 7.80
CA VAL B 9 23.76 7.31 8.41
C VAL B 9 25.22 7.08 8.79
N TYR B 10 26.14 7.63 8.00
CA TYR B 10 27.57 7.48 8.30
C TYR B 10 28.03 8.32 9.50
N SER B 11 27.19 9.22 10.00
CA SER B 11 27.55 10.05 11.14
C SER B 11 27.00 9.52 12.46
N LEU B 12 26.16 8.50 12.41
CA LEU B 12 25.54 7.91 13.59
C LEU B 12 26.19 6.57 13.93
N VAL B 13 26.13 6.21 15.21
CA VAL B 13 26.65 4.92 15.65
C VAL B 13 25.68 3.82 15.22
N SER B 14 26.18 2.82 14.51
CA SER B 14 25.37 1.70 14.06
C SER B 14 25.43 0.58 15.10
N LYS B 15 24.27 0.08 15.50
CA LYS B 15 24.22 -1.01 16.46
C LYS B 15 23.03 -1.90 16.15
N PRO B 16 23.13 -3.20 16.42
CA PRO B 16 22.01 -4.10 16.16
C PRO B 16 20.82 -3.78 17.07
N LEU B 17 19.64 -4.13 16.58
CA LEU B 17 18.46 -4.13 17.45
C LEU B 17 18.73 -5.06 18.63
N PRO B 18 18.60 -4.59 19.88
CA PRO B 18 18.94 -5.44 21.03
C PRO B 18 18.02 -6.65 21.15
N SER B 19 18.58 -7.73 21.71
CA SER B 19 17.83 -8.98 21.82
C SER B 19 17.07 -9.12 23.13
N ASN B 20 17.45 -8.37 24.17
CA ASN B 20 16.92 -8.55 25.51
C ASN B 20 17.08 -10.00 26.00
N SER B 21 18.02 -10.74 25.42
CA SER B 21 18.25 -12.17 25.74
C SER B 21 17.04 -13.05 25.41
N ARG B 22 16.25 -12.66 24.41
CA ARG B 22 15.06 -13.40 24.00
C ARG B 22 15.11 -13.64 22.49
N PRO B 23 15.68 -14.75 22.05
CA PRO B 23 15.77 -15.00 20.61
C PRO B 23 14.40 -15.31 20.02
N SER B 24 14.23 -14.95 18.74
CA SER B 24 13.02 -15.35 18.02
C SER B 24 13.33 -15.29 16.52
N ALA B 25 12.42 -15.89 15.73
CA ALA B 25 12.60 -15.96 14.29
C ALA B 25 12.66 -14.56 13.68
N THR B 26 11.82 -13.64 14.17
CA THR B 26 11.87 -12.25 13.73
C THR B 26 13.27 -11.66 13.91
N LEU B 27 13.87 -11.89 15.08
CA LEU B 27 15.18 -11.32 15.38
C LEU B 27 16.28 -11.98 14.56
N ASP B 28 16.18 -13.29 14.33
CA ASP B 28 17.12 -13.97 13.44
C ASP B 28 17.16 -13.29 12.07
N GLU B 29 15.99 -13.06 11.48
CA GLU B 29 15.96 -12.46 10.14
C GLU B 29 16.35 -10.99 10.18
N GLN B 30 16.00 -10.27 11.25
CA GLN B 30 16.41 -8.88 11.38
C GLN B 30 17.92 -8.75 11.45
N ALA B 31 18.56 -9.58 12.28
CA ALA B 31 20.02 -9.48 12.44
C ALA B 31 20.74 -9.84 11.15
N GLU B 32 20.24 -10.86 10.44
CA GLU B 32 20.82 -11.22 9.15
C GLU B 32 20.71 -10.07 8.16
N THR B 33 19.59 -9.36 8.17
CA THR B 33 19.40 -8.23 7.26
C THR B 33 20.28 -7.04 7.66
N GLU B 34 20.43 -6.80 8.97
CA GLU B 34 21.34 -5.76 9.44
C GLU B 34 22.78 -6.01 8.98
N ASP B 35 23.24 -7.25 9.08
CA ASP B 35 24.59 -7.58 8.61
C ASP B 35 24.73 -7.31 7.12
N LEU B 36 23.71 -7.67 6.35
CA LEU B 36 23.77 -7.55 4.91
C LEU B 36 23.84 -6.10 4.46
N ILE B 37 23.01 -5.23 5.05
CA ILE B 37 22.99 -3.83 4.65
C ILE B 37 24.22 -3.10 5.18
N SER B 38 24.57 -3.32 6.45
CA SER B 38 25.70 -2.58 7.01
C SER B 38 27.02 -2.94 6.34
N GLN B 39 27.17 -4.18 5.88
CA GLN B 39 28.39 -4.57 5.17
C GLN B 39 28.53 -3.82 3.85
N LEU B 40 27.40 -3.59 3.15
CA LEU B 40 27.48 -2.86 1.89
C LEU B 40 27.77 -1.39 2.11
N PHE B 41 27.20 -0.80 3.18
CA PHE B 41 27.56 0.56 3.55
C PHE B 41 29.04 0.67 3.90
N ASP B 42 29.59 -0.35 4.58
CA ASP B 42 31.01 -0.33 4.94
C ASP B 42 31.92 -0.37 3.73
N LEU B 43 31.47 -0.97 2.63
CA LEU B 43 32.25 -1.05 1.40
C LEU B 43 32.08 0.15 0.49
N THR B 44 31.19 1.08 0.84
CA THR B 44 30.79 2.17 -0.03
C THR B 44 31.25 3.51 0.54
N ALA B 45 31.83 4.35 -0.31
CA ALA B 45 32.22 5.69 0.11
C ALA B 45 31.00 6.49 0.54
N ASP B 46 31.14 7.18 1.67
CA ASP B 46 30.13 8.11 2.16
C ASP B 46 29.74 9.09 1.04
N PRO B 47 28.47 9.12 0.63
CA PRO B 47 28.07 10.02 -0.47
C PRO B 47 28.27 11.49 -0.14
N ASN B 48 28.33 11.85 1.14
CA ASN B 48 28.47 13.25 1.52
C ASN B 48 29.91 13.73 1.50
N ALA B 49 30.89 12.84 1.29
CA ALA B 49 32.29 13.26 1.26
C ALA B 49 32.62 14.00 -0.05
N LEU B 50 33.48 15.02 0.06
CA LEU B 50 33.89 15.96 -1.02
C LEU B 50 34.73 15.29 -2.11
N VAL B 51 35.70 14.48 -1.70
CA VAL B 51 36.45 13.62 -2.62
C VAL B 51 36.25 12.20 -2.15
N SER B 52 35.86 11.32 -3.07
CA SER B 52 35.50 9.95 -2.71
C SER B 52 36.71 9.13 -2.29
N GLU B 53 36.54 8.31 -1.27
CA GLU B 53 37.64 7.50 -0.70
C GLU B 53 38.19 6.48 -1.70
N HIS B 54 39.46 6.10 -1.51
CA HIS B 54 40.17 5.15 -2.41
C HIS B 54 39.85 3.71 -2.04
N GLY B 55 39.50 2.88 -3.00
CA GLY B 55 39.17 1.46 -2.73
C GLY B 55 37.68 1.18 -2.44
N LYS B 56 36.87 2.19 -2.22
CA LYS B 56 35.46 2.00 -1.93
C LYS B 56 34.57 2.22 -3.16
N ARG B 57 33.37 1.64 -3.11
CA ARG B 57 32.41 1.83 -4.20
C ARG B 57 31.89 3.26 -4.21
N TYR B 58 31.68 3.81 -5.41
CA TYR B 58 31.05 5.11 -5.58
C TYR B 58 29.53 4.93 -5.68
N SER B 59 28.78 5.71 -4.91
CA SER B 59 27.35 5.53 -4.75
C SER B 59 26.50 6.37 -5.70
N GLY B 60 27.11 7.12 -6.62
CA GLY B 60 26.34 7.98 -7.51
C GLY B 60 25.23 7.24 -8.23
N LEU B 61 24.11 7.92 -8.46
CA LEU B 61 22.96 7.30 -9.11
C LEU B 61 23.30 6.91 -10.54
N ARG B 62 23.20 5.62 -10.86
CA ARG B 62 23.68 5.12 -12.14
C ARG B 62 22.54 5.15 -13.17
N LYS B 63 22.22 6.37 -13.60
CA LYS B 63 20.99 6.62 -14.37
C LYS B 63 21.01 5.89 -15.71
N GLN B 64 22.17 5.84 -16.37
CA GLN B 64 22.24 5.18 -17.66
C GLN B 64 22.07 3.67 -17.53
N GLU B 65 22.62 3.07 -16.47
CA GLU B 65 22.37 1.65 -16.23
C GLU B 65 20.89 1.39 -16.00
N HIS B 66 20.22 2.25 -15.23
CA HIS B 66 18.79 2.04 -14.96
C HIS B 66 17.96 2.25 -16.22
N THR B 67 18.36 3.20 -17.07
CA THR B 67 17.67 3.40 -18.34
C THR B 67 17.75 2.15 -19.21
N GLN B 68 18.94 1.55 -19.32
CA GLN B 68 19.08 0.34 -20.13
C GLN B 68 18.35 -0.84 -19.50
N PHE B 69 18.28 -0.89 -18.17
CA PHE B 69 17.47 -1.92 -17.51
C PHE B 69 16.02 -1.86 -17.98
N LEU B 70 15.48 -0.65 -18.07
CA LEU B 70 14.09 -0.46 -18.47
C LEU B 70 13.86 -0.63 -19.98
N ALA B 71 14.93 -0.57 -20.79
CA ALA B 71 14.76 -0.58 -22.25
C ALA B 71 14.07 -1.86 -22.75
N SER B 72 14.21 -2.97 -22.04
CA SER B 72 13.59 -4.21 -22.52
C SER B 72 12.07 -4.10 -22.66
N SER B 73 11.43 -3.19 -21.92
CA SER B 73 9.98 -3.02 -22.03
C SER B 73 9.53 -2.70 -23.45
N PHE B 74 10.39 -2.14 -24.28
CA PHE B 74 10.02 -1.75 -25.64
C PHE B 74 10.49 -2.74 -26.68
N PHE B 75 11.09 -3.86 -26.26
CA PHE B 75 11.38 -4.95 -27.18
C PHE B 75 10.63 -6.21 -26.78
N GLN B 76 10.96 -6.82 -25.64
CA GLN B 76 10.28 -8.02 -25.17
C GLN B 76 10.81 -8.44 -23.81
N LEU B 77 9.97 -9.12 -23.03
CA LEU B 77 10.28 -9.59 -21.69
C LEU B 77 10.36 -11.11 -21.67
N PRO B 78 11.29 -11.68 -20.91
CA PRO B 78 11.43 -13.15 -20.89
C PRO B 78 10.19 -13.83 -20.33
N GLY B 79 10.12 -15.15 -20.57
CA GLY B 79 8.95 -15.94 -20.21
C GLY B 79 8.58 -15.92 -18.75
N LYS B 80 9.53 -15.63 -17.85
CA LYS B 80 9.23 -15.57 -16.44
C LYS B 80 8.24 -14.44 -16.10
N PHE B 81 8.13 -13.43 -16.97
CA PHE B 81 7.16 -12.36 -16.73
C PHE B 81 5.70 -12.79 -16.93
N VAL B 82 5.44 -14.06 -17.26
CA VAL B 82 4.05 -14.50 -17.34
C VAL B 82 3.32 -14.32 -16.01
N SER B 83 4.05 -14.30 -14.89
CA SER B 83 3.42 -14.03 -13.61
C SER B 83 2.83 -12.63 -13.54
N LEU B 84 3.22 -11.73 -14.44
CA LEU B 84 2.69 -10.38 -14.52
C LEU B 84 1.83 -10.16 -15.76
N ASP B 85 1.42 -11.24 -16.43
CA ASP B 85 0.64 -11.12 -17.66
C ASP B 85 -0.72 -10.47 -17.44
N ALA B 86 -1.25 -10.48 -16.21
CA ALA B 86 -2.48 -9.76 -15.90
C ALA B 86 -2.22 -8.38 -15.33
N SER B 87 -0.98 -7.89 -15.44
CA SER B 87 -0.61 -6.59 -14.91
C SER B 87 0.24 -5.81 -15.92
N ARG B 88 0.02 -6.04 -17.22
CA ARG B 88 0.89 -5.37 -18.20
C ARG B 88 0.81 -3.84 -18.15
N PRO B 89 -0.33 -3.20 -17.83
CA PRO B 89 -0.31 -1.74 -17.62
C PRO B 89 0.62 -1.29 -16.50
N TRP B 90 0.83 -2.13 -15.47
CA TRP B 90 1.82 -1.79 -14.43
C TRP B 90 3.24 -1.85 -14.99
N LEU B 91 3.52 -2.82 -15.85
CA LEU B 91 4.82 -2.85 -16.51
C LEU B 91 5.04 -1.57 -17.32
N VAL B 92 3.99 -1.07 -17.97
CA VAL B 92 4.09 0.20 -18.69
C VAL B 92 4.35 1.35 -17.71
N PHE B 93 3.50 1.46 -16.69
CA PHE B 93 3.62 2.58 -15.74
C PHE B 93 4.98 2.60 -15.07
N TRP B 94 5.41 1.47 -14.52
CA TRP B 94 6.71 1.41 -13.84
C TRP B 94 7.82 1.89 -14.77
N THR B 95 7.73 1.51 -16.05
CA THR B 95 8.74 1.90 -17.03
C THR B 95 8.65 3.38 -17.36
N VAL B 96 7.46 3.87 -17.74
CA VAL B 96 7.42 5.23 -18.29
C VAL B 96 7.49 6.29 -17.18
N HIS B 97 7.02 5.99 -15.97
CA HIS B 97 7.19 6.92 -14.86
C HIS B 97 8.66 6.95 -14.41
N SER B 98 9.32 5.79 -14.40
CA SER B 98 10.74 5.77 -14.05
C SER B 98 11.56 6.61 -15.05
N LEU B 99 11.25 6.49 -16.34
CA LEU B 99 12.00 7.27 -17.33
C LEU B 99 11.73 8.78 -17.17
N ASP B 100 10.48 9.15 -16.87
CA ASP B 100 10.17 10.54 -16.51
C ASP B 100 11.04 11.03 -15.35
N LEU B 101 11.08 10.27 -14.26
CA LEU B 101 11.89 10.66 -13.10
C LEU B 101 13.37 10.77 -13.47
N LEU B 102 13.86 9.85 -14.28
CA LEU B 102 15.25 9.84 -14.70
C LEU B 102 15.54 10.87 -15.78
N GLY B 103 14.53 11.57 -16.29
CA GLY B 103 14.75 12.61 -17.27
C GLY B 103 15.05 12.14 -18.67
N VAL B 104 14.57 10.95 -19.05
CA VAL B 104 14.84 10.35 -20.35
C VAL B 104 13.58 10.44 -21.19
N ALA B 105 13.67 11.08 -22.35
CA ALA B 105 12.51 11.25 -23.22
C ALA B 105 12.35 10.05 -24.16
N LEU B 106 11.09 9.63 -24.33
CA LEU B 106 10.74 8.69 -25.40
C LEU B 106 10.46 9.46 -26.69
N ASP B 107 10.84 8.88 -27.84
CA ASP B 107 10.46 9.54 -29.09
C ASP B 107 8.98 9.31 -29.39
N GLN B 108 8.46 10.09 -30.34
CA GLN B 108 7.01 10.09 -30.56
C GLN B 108 6.51 8.74 -31.04
N GLY B 109 7.27 8.07 -31.92
CA GLY B 109 6.86 6.74 -32.36
C GLY B 109 6.70 5.76 -31.22
N THR B 110 7.63 5.78 -30.26
CA THR B 110 7.52 4.89 -29.11
C THR B 110 6.35 5.29 -28.20
N LYS B 111 6.13 6.59 -27.99
CA LYS B 111 4.96 7.02 -27.23
C LYS B 111 3.66 6.56 -27.89
N ASP B 112 3.58 6.67 -29.22
CA ASP B 112 2.38 6.23 -29.93
C ASP B 112 2.14 4.74 -29.75
N ARG B 113 3.21 3.93 -29.71
CA ARG B 113 3.06 2.50 -29.42
C ARG B 113 2.53 2.27 -28.01
N VAL B 114 3.03 3.02 -27.02
CA VAL B 114 2.49 2.90 -25.66
C VAL B 114 1.01 3.19 -25.66
N VAL B 115 0.61 4.30 -26.30
CA VAL B 115 -0.80 4.69 -26.32
C VAL B 115 -1.64 3.61 -26.99
N SER B 116 -1.19 3.14 -28.15
CA SER B 116 -1.97 2.16 -28.90
C SER B 116 -2.09 0.85 -28.14
N THR B 117 -1.01 0.39 -27.50
CA THR B 117 -1.08 -0.83 -26.71
C THR B 117 -2.15 -0.71 -25.63
N LEU B 118 -2.15 0.41 -24.90
CA LEU B 118 -3.06 0.55 -23.76
C LEU B 118 -4.51 0.68 -24.22
N LEU B 119 -4.75 1.36 -25.34
CA LEU B 119 -6.11 1.45 -25.83
C LEU B 119 -6.66 0.10 -26.26
N HIS B 120 -5.80 -0.86 -26.62
CA HIS B 120 -6.29 -2.22 -26.84
C HIS B 120 -6.72 -2.91 -25.55
N PHE B 121 -6.35 -2.38 -24.38
CA PHE B 121 -6.77 -2.93 -23.10
C PHE B 121 -8.07 -2.32 -22.59
N LEU B 122 -8.63 -1.35 -23.30
CA LEU B 122 -9.82 -0.64 -22.86
C LEU B 122 -11.08 -1.34 -23.36
N SER B 123 -11.99 -1.72 -22.44
CA SER B 123 -13.24 -2.33 -22.87
C SER B 123 -14.30 -1.27 -23.19
N PRO B 124 -15.08 -1.50 -24.25
CA PRO B 124 -16.20 -0.58 -24.55
C PRO B 124 -17.20 -0.44 -23.41
N LYS B 125 -17.39 -1.48 -22.60
CA LYS B 125 -18.33 -1.40 -21.48
C LYS B 125 -17.75 -0.68 -20.28
N GLY B 126 -16.45 -0.39 -20.28
CA GLY B 126 -15.86 0.47 -19.27
C GLY B 126 -14.67 -0.09 -18.53
N GLY B 127 -13.55 0.63 -18.54
CA GLY B 127 -12.36 0.32 -17.77
C GLY B 127 -11.31 -0.43 -18.59
N PHE B 128 -10.08 -0.40 -18.08
CA PHE B 128 -8.95 -1.13 -18.64
C PHE B 128 -8.75 -2.44 -17.88
N GLY B 129 -8.37 -3.50 -18.61
CA GLY B 129 -7.91 -4.73 -18.00
C GLY B 129 -6.39 -4.79 -17.95
N GLY B 130 -5.89 -5.91 -17.42
CA GLY B 130 -4.46 -6.15 -17.35
C GLY B 130 -3.82 -6.54 -18.65
N GLY B 131 -4.62 -6.64 -19.71
CA GLY B 131 -4.16 -6.99 -21.02
C GLY B 131 -5.27 -6.70 -22.00
N PRO B 132 -5.13 -7.23 -23.22
CA PRO B 132 -6.11 -6.96 -24.27
C PRO B 132 -7.54 -7.23 -23.84
N ALA B 133 -8.46 -6.37 -24.31
CA ALA B 133 -9.86 -6.50 -23.94
C ALA B 133 -10.52 -7.76 -24.49
N ASN B 134 -9.94 -8.40 -25.52
CA ASN B 134 -10.51 -9.68 -25.93
C ASN B 134 -10.02 -10.85 -25.07
N SER B 135 -9.24 -10.53 -24.03
CA SER B 135 -8.60 -11.54 -23.19
C SER B 135 -8.86 -11.34 -21.69
N GLN B 136 -8.98 -10.09 -21.22
CA GLN B 136 -9.09 -9.82 -19.80
C GLN B 136 -10.21 -8.82 -19.53
N ILE B 137 -10.88 -8.97 -18.40
CA ILE B 137 -11.97 -8.08 -18.03
C ILE B 137 -11.40 -6.85 -17.33
N PRO B 138 -12.13 -5.75 -17.23
CA PRO B 138 -11.59 -4.53 -16.60
C PRO B 138 -11.33 -4.74 -15.11
N HIS B 139 -10.40 -3.93 -14.59
CA HIS B 139 -9.93 -4.06 -13.20
C HIS B 139 -9.48 -2.67 -12.74
N LEU B 140 -9.77 -2.32 -11.49
CA LEU B 140 -9.48 -0.97 -11.01
C LEU B 140 -7.98 -0.67 -11.02
N LEU B 141 -7.13 -1.67 -10.79
CA LEU B 141 -5.71 -1.37 -10.63
C LEU B 141 -5.06 -1.10 -11.98
N PRO B 142 -5.24 -1.95 -13.01
CA PRO B 142 -4.76 -1.55 -14.36
C PRO B 142 -5.46 -0.33 -14.92
N THR B 143 -6.66 0.01 -14.45
CA THR B 143 -7.28 1.24 -14.89
C THR B 143 -6.50 2.46 -14.39
N TYR B 144 -6.06 2.46 -13.12
CA TYR B 144 -5.15 3.52 -12.65
C TYR B 144 -3.85 3.52 -13.43
N ALA B 145 -3.21 2.34 -13.57
CA ALA B 145 -1.90 2.31 -14.23
C ALA B 145 -2.01 2.76 -15.68
N SER B 146 -3.09 2.39 -16.36
CA SER B 146 -3.26 2.78 -17.76
C SER B 146 -3.52 4.27 -17.90
N VAL B 147 -4.37 4.82 -17.03
CA VAL B 147 -4.69 6.25 -17.08
C VAL B 147 -3.46 7.08 -16.78
N CYS B 148 -2.69 6.69 -15.75
CA CYS B 148 -1.45 7.42 -15.46
C CYS B 148 -0.44 7.28 -16.58
N SER B 149 -0.32 6.09 -17.18
CA SER B 149 0.59 5.92 -18.31
C SER B 149 0.18 6.77 -19.51
N LEU B 150 -1.13 6.94 -19.74
CA LEU B 150 -1.57 7.80 -20.83
C LEU B 150 -1.30 9.27 -20.51
N ALA B 151 -1.36 9.66 -19.23
CA ALA B 151 -0.93 11.01 -18.87
C ALA B 151 0.55 11.22 -19.19
N ILE B 152 1.37 10.18 -19.04
CA ILE B 152 2.81 10.34 -19.24
C ILE B 152 3.18 10.30 -20.72
N ALA B 153 2.52 9.44 -21.51
CA ALA B 153 2.91 9.18 -22.89
C ALA B 153 1.94 9.74 -23.93
N GLY B 154 0.72 10.14 -23.55
CA GLY B 154 -0.29 10.56 -24.51
C GLY B 154 -0.31 12.07 -24.75
N ASN B 155 -1.28 12.51 -25.54
CA ASN B 155 -1.42 13.92 -25.88
C ASN B 155 -2.82 14.16 -26.41
N ASP B 156 -3.11 15.42 -26.78
CA ASP B 156 -4.47 15.81 -27.14
C ASP B 156 -4.79 15.64 -28.63
N SER B 157 -3.87 15.10 -29.43
CA SER B 157 -4.10 14.94 -30.87
C SER B 157 -5.02 13.74 -31.11
N SER B 158 -5.27 13.41 -32.38
CA SER B 158 -6.14 12.29 -32.71
C SER B 158 -5.47 10.93 -32.49
N THR B 159 -4.15 10.87 -32.35
CA THR B 159 -3.48 9.62 -32.01
C THR B 159 -2.96 9.60 -30.58
N GLY B 160 -3.33 10.58 -29.75
CA GLY B 160 -2.74 10.72 -28.42
C GLY B 160 -3.44 10.03 -27.28
N GLY B 161 -4.59 9.39 -27.53
CA GLY B 161 -5.24 8.59 -26.50
C GLY B 161 -6.14 9.35 -25.55
N TRP B 162 -5.87 10.64 -25.31
CA TRP B 162 -6.70 11.39 -24.37
C TRP B 162 -8.11 11.55 -24.88
N LYS B 163 -8.26 11.77 -26.19
CA LYS B 163 -9.58 11.85 -26.82
C LYS B 163 -10.38 10.57 -26.60
N ASP B 164 -9.73 9.40 -26.71
CA ASP B 164 -10.42 8.15 -26.44
C ASP B 164 -10.82 8.03 -24.98
N LEU B 165 -9.95 8.46 -24.06
CA LEU B 165 -10.32 8.45 -22.65
C LEU B 165 -11.53 9.34 -22.40
N ALA B 166 -11.56 10.53 -23.02
CA ALA B 166 -12.69 11.43 -22.84
C ALA B 166 -13.98 10.77 -23.30
N ALA B 167 -13.95 10.10 -24.46
CA ALA B 167 -15.14 9.42 -24.95
C ALA B 167 -15.56 8.25 -24.06
N ALA B 168 -14.65 7.70 -23.26
CA ALA B 168 -14.96 6.56 -22.40
C ALA B 168 -15.44 6.96 -21.01
N ARG B 169 -15.60 8.26 -20.73
CA ARG B 169 -15.88 8.70 -19.36
C ARG B 169 -17.15 8.08 -18.78
N GLN B 170 -18.24 8.07 -19.57
CA GLN B 170 -19.48 7.50 -19.06
C GLN B 170 -19.35 6.01 -18.80
N SER B 171 -18.66 5.28 -19.68
CA SER B 171 -18.55 3.84 -19.51
C SER B 171 -17.63 3.49 -18.34
N ILE B 172 -16.55 4.27 -18.14
CA ILE B 172 -15.69 4.06 -16.97
C ILE B 172 -16.46 4.35 -15.69
N TYR B 173 -17.25 5.42 -15.69
CA TYR B 173 -18.10 5.72 -14.54
C TYR B 173 -19.05 4.56 -14.25
N GLU B 174 -19.67 4.00 -15.29
CA GLU B 174 -20.60 2.89 -15.07
C GLU B 174 -19.87 1.66 -14.53
N PHE B 175 -18.65 1.41 -14.99
CA PHE B 175 -17.83 0.34 -14.42
C PHE B 175 -17.56 0.60 -12.94
N PHE B 176 -17.17 1.83 -12.60
CA PHE B 176 -16.95 2.17 -11.19
C PHE B 176 -18.20 1.94 -10.34
N MET B 177 -19.37 2.31 -10.86
CA MET B 177 -20.60 2.11 -10.09
C MET B 177 -20.96 0.63 -9.97
N ARG B 178 -20.65 -0.19 -10.99
CA ARG B 178 -20.86 -1.62 -10.86
C ARG B 178 -19.96 -2.23 -9.78
N CYS B 179 -18.78 -1.65 -9.57
CA CYS B 179 -17.86 -2.13 -8.54
C CYS B 179 -18.28 -1.74 -7.13
N LYS B 180 -19.13 -0.72 -7.00
CA LYS B 180 -19.40 -0.12 -5.70
C LYS B 180 -20.25 -1.03 -4.81
N ARG B 181 -19.84 -1.15 -3.51
CA ARG B 181 -20.57 -1.83 -2.44
C ARG B 181 -21.29 -0.81 -1.56
N PRO B 182 -22.42 -1.19 -0.97
CA PRO B 182 -23.19 -0.25 -0.13
C PRO B 182 -22.41 0.30 1.06
N ASP B 183 -21.46 -0.46 1.64
CA ASP B 183 -20.72 0.02 2.81
C ASP B 183 -19.60 0.99 2.46
N GLY B 184 -19.35 1.27 1.19
CA GLY B 184 -18.30 2.19 0.82
C GLY B 184 -17.08 1.55 0.21
N GLY B 185 -16.99 0.21 0.23
CA GLY B 185 -15.92 -0.45 -0.49
C GLY B 185 -16.24 -0.64 -1.97
N PHE B 186 -15.22 -1.03 -2.73
CA PHE B 186 -15.35 -1.39 -4.15
C PHE B 186 -14.70 -2.75 -4.38
N VAL B 187 -15.31 -3.60 -5.22
CA VAL B 187 -14.56 -4.74 -5.76
C VAL B 187 -13.60 -4.22 -6.82
N VAL B 188 -12.43 -4.87 -6.96
CA VAL B 188 -11.45 -4.42 -7.96
C VAL B 188 -11.86 -4.82 -9.38
N CYS B 189 -12.72 -5.82 -9.51
CA CYS B 189 -13.23 -6.28 -10.78
C CYS B 189 -14.47 -7.10 -10.46
N GLU B 190 -15.17 -7.52 -11.51
CA GLU B 190 -16.31 -8.41 -11.28
C GLU B 190 -15.85 -9.64 -10.48
N GLY B 191 -16.48 -9.87 -9.33
CA GLY B 191 -16.11 -10.99 -8.48
C GLY B 191 -14.77 -10.87 -7.76
N GLY B 192 -14.21 -9.67 -7.64
CA GLY B 192 -12.88 -9.48 -7.10
C GLY B 192 -12.84 -9.00 -5.65
N GLU B 193 -11.61 -8.83 -5.14
CA GLU B 193 -11.39 -8.52 -3.72
C GLU B 193 -11.67 -7.05 -3.43
N VAL B 194 -11.87 -6.74 -2.15
CA VAL B 194 -12.31 -5.43 -1.68
C VAL B 194 -11.28 -4.88 -0.70
N ASP B 195 -10.56 -3.83 -1.09
CA ASP B 195 -9.59 -3.22 -0.16
C ASP B 195 -9.27 -1.80 -0.63
N VAL B 196 -8.44 -1.10 0.15
CA VAL B 196 -8.21 0.32 -0.14
C VAL B 196 -7.33 0.53 -1.37
N ARG B 197 -6.73 -0.53 -1.93
CA ARG B 197 -6.06 -0.37 -3.22
C ARG B 197 -7.07 -0.01 -4.29
N GLY B 198 -8.22 -0.68 -4.28
CA GLY B 198 -9.26 -0.35 -5.25
C GLY B 198 -9.80 1.06 -5.06
N THR B 199 -10.04 1.46 -3.81
CA THR B 199 -10.53 2.81 -3.55
C THR B 199 -9.55 3.86 -4.06
N TYR B 200 -8.26 3.68 -3.74
CA TYR B 200 -7.26 4.65 -4.19
C TYR B 200 -7.23 4.74 -5.71
N CYS B 201 -7.12 3.60 -6.39
CA CYS B 201 -7.00 3.64 -7.85
C CYS B 201 -8.23 4.27 -8.47
N LEU B 202 -9.41 3.97 -7.92
CA LEU B 202 -10.65 4.52 -8.45
C LEU B 202 -10.74 6.03 -8.22
N LEU B 203 -10.42 6.50 -7.01
CA LEU B 203 -10.54 7.93 -6.71
C LEU B 203 -9.54 8.76 -7.53
N VAL B 204 -8.34 8.23 -7.76
CA VAL B 204 -7.40 8.96 -8.61
C VAL B 204 -8.01 9.16 -10.00
N VAL B 205 -8.51 8.08 -10.60
CA VAL B 205 -9.03 8.17 -11.96
C VAL B 205 -10.26 9.06 -12.01
N ALA B 206 -11.19 8.89 -11.04
CA ALA B 206 -12.40 9.72 -11.04
C ALA B 206 -12.07 11.20 -10.88
N THR B 207 -11.06 11.52 -10.06
CA THR B 207 -10.62 12.91 -9.91
C THR B 207 -10.07 13.45 -11.22
N LEU B 208 -9.21 12.68 -11.89
CA LEU B 208 -8.55 13.19 -13.09
C LEU B 208 -9.51 13.36 -14.26
N LEU B 209 -10.55 12.52 -14.36
CA LEU B 209 -11.42 12.52 -15.54
C LEU B 209 -12.74 13.24 -15.33
N ASP B 210 -12.95 13.90 -14.17
CA ASP B 210 -14.18 14.68 -13.91
C ASP B 210 -15.40 13.76 -13.98
N ILE B 211 -15.37 12.68 -13.22
CA ILE B 211 -16.54 11.79 -13.14
C ILE B 211 -16.93 11.47 -11.70
N ILE B 212 -16.67 12.39 -10.77
CA ILE B 212 -17.09 12.20 -9.38
C ILE B 212 -18.54 12.66 -9.20
N THR B 213 -19.34 11.85 -8.49
CA THR B 213 -20.73 12.16 -8.18
C THR B 213 -20.98 11.82 -6.72
N PRO B 214 -22.06 12.34 -6.13
CA PRO B 214 -22.39 11.93 -4.75
C PRO B 214 -22.67 10.44 -4.63
N GLU B 215 -23.34 9.82 -5.61
CA GLU B 215 -23.66 8.39 -5.47
C GLU B 215 -22.38 7.56 -5.53
N LEU B 216 -21.38 7.99 -6.29
CA LEU B 216 -20.12 7.28 -6.32
C LEU B 216 -19.44 7.29 -4.95
N LEU B 217 -19.56 8.40 -4.23
CA LEU B 217 -18.75 8.61 -3.02
C LEU B 217 -19.42 8.15 -1.72
N HIS B 218 -20.69 7.78 -1.76
CA HIS B 218 -21.40 7.53 -0.51
C HIS B 218 -20.74 6.40 0.29
N ASN B 219 -20.42 6.68 1.55
CA ASN B 219 -19.78 5.79 2.53
C ASN B 219 -18.32 5.49 2.23
N VAL B 220 -17.75 6.00 1.12
CA VAL B 220 -16.36 5.70 0.80
C VAL B 220 -15.45 6.23 1.90
N ASP B 221 -15.76 7.41 2.44
CA ASP B 221 -14.97 7.97 3.54
C ASP B 221 -15.03 7.10 4.78
N LYS B 222 -16.20 6.53 5.08
CA LYS B 222 -16.32 5.71 6.29
C LYS B 222 -15.54 4.41 6.16
N PHE B 223 -15.58 3.78 4.99
CA PHE B 223 -14.82 2.54 4.77
C PHE B 223 -13.34 2.76 5.05
N VAL B 224 -12.79 3.86 4.52
CA VAL B 224 -11.36 4.13 4.64
C VAL B 224 -11.00 4.49 6.09
N SER B 225 -11.78 5.37 6.71
CA SER B 225 -11.49 5.77 8.08
CA SER B 225 -11.50 5.77 8.09
C SER B 225 -11.43 4.56 9.00
N ALA B 226 -12.34 3.60 8.83
CA ALA B 226 -12.35 2.45 9.71
C ALA B 226 -11.21 1.47 9.46
N CYS B 227 -10.38 1.70 8.43
CA CYS B 227 -9.20 0.88 8.23
C CYS B 227 -8.03 1.25 9.13
N GLN B 228 -8.11 2.39 9.84
CA GLN B 228 -6.99 2.81 10.67
C GLN B 228 -6.88 1.93 11.91
N THR B 229 -5.67 1.46 12.22
CA THR B 229 -5.48 0.56 13.35
C THR B 229 -4.97 1.31 14.57
N TYR B 230 -4.91 0.57 15.70
CA TYR B 230 -4.36 1.11 16.94
C TYR B 230 -2.91 1.57 16.80
N GLU B 231 -2.19 1.09 15.78
CA GLU B 231 -0.82 1.55 15.55
C GLU B 231 -0.76 2.89 14.84
N GLY B 232 -1.84 3.34 14.20
CA GLY B 232 -1.88 4.62 13.52
C GLY B 232 -1.87 4.54 12.00
N GLY B 233 -1.29 3.47 11.44
CA GLY B 233 -1.40 3.21 10.02
C GLY B 233 -2.73 2.55 9.70
N PHE B 234 -2.85 2.09 8.45
CA PHE B 234 -4.11 1.58 7.92
C PHE B 234 -3.95 0.16 7.41
N ALA B 235 -4.99 -0.65 7.63
CA ALA B 235 -5.08 -2.01 7.12
C ALA B 235 -5.73 -2.04 5.73
N CYS B 236 -5.82 -3.25 5.17
CA CYS B 236 -6.36 -3.41 3.82
C CYS B 236 -7.82 -3.00 3.71
N ALA B 237 -8.62 -3.25 4.76
CA ALA B 237 -10.06 -3.12 4.61
C ALA B 237 -10.70 -3.04 5.99
N SER B 238 -11.97 -2.66 6.01
CA SER B 238 -12.78 -2.70 7.22
C SER B 238 -14.03 -3.55 6.96
N PHE B 239 -14.52 -4.22 8.03
CA PHE B 239 -15.67 -5.09 7.94
C PHE B 239 -16.88 -4.40 8.51
N PRO B 240 -17.99 -4.30 7.76
CA PRO B 240 -19.20 -3.65 8.30
C PRO B 240 -20.10 -4.65 9.03
N PHE B 241 -20.28 -4.48 10.29
CA PHE B 241 -21.24 -5.33 11.00
C PHE B 241 -22.63 -4.72 10.92
N PRO B 242 -23.67 -5.50 10.60
CA PRO B 242 -25.02 -4.99 10.32
C PRO B 242 -25.80 -4.47 11.52
N GLU B 255 -25.07 2.92 7.94
CA GLU B 255 -25.93 1.75 7.84
C GLU B 255 -25.46 0.59 8.75
N PRO B 256 -24.19 0.20 8.70
CA PRO B 256 -23.72 -0.81 9.65
C PRO B 256 -23.70 -0.25 11.07
N SER B 257 -23.79 -1.16 12.05
CA SER B 257 -23.70 -0.74 13.44
C SER B 257 -22.28 -0.30 13.80
N CYS B 258 -21.26 -0.95 13.23
CA CYS B 258 -19.88 -0.53 13.40
C CYS B 258 -19.03 -1.15 12.30
N ARG B 259 -17.81 -0.62 12.14
CA ARG B 259 -16.83 -1.13 11.19
C ARG B 259 -15.51 -1.40 11.92
N VAL B 260 -14.84 -2.48 11.54
CA VAL B 260 -13.65 -2.97 12.24
C VAL B 260 -12.56 -3.25 11.21
N SER B 261 -11.34 -2.79 11.48
CA SER B 261 -10.22 -3.04 10.58
C SER B 261 -9.81 -4.51 10.61
N MET B 262 -9.33 -5.02 9.46
CA MET B 262 -9.24 -6.46 9.22
C MET B 262 -7.83 -7.03 9.25
N ALA B 263 -6.81 -6.23 9.50
CA ALA B 263 -5.44 -6.75 9.56
C ALA B 263 -4.55 -5.64 10.09
N GLU B 264 -3.23 -5.84 10.02
CA GLU B 264 -2.34 -4.85 10.63
C GLU B 264 -2.04 -3.69 9.68
N ALA B 265 -1.56 -2.58 10.27
CA ALA B 265 -1.14 -1.42 9.48
C ALA B 265 -0.01 -1.82 8.55
N HIS B 266 -0.11 -1.43 7.28
CA HIS B 266 0.94 -1.69 6.29
C HIS B 266 1.20 -0.43 5.46
N GLY B 267 2.45 -0.25 5.07
CA GLY B 267 2.79 0.91 4.24
C GLY B 267 1.99 0.99 2.96
N GLY B 268 1.78 -0.14 2.29
CA GLY B 268 1.03 -0.10 1.04
C GLY B 268 -0.41 0.38 1.24
N TYR B 269 -1.07 -0.13 2.27
CA TYR B 269 -2.45 0.26 2.53
C TYR B 269 -2.57 1.60 3.25
N THR B 270 -1.53 1.99 4.00
CA THR B 270 -1.49 3.32 4.59
C THR B 270 -1.33 4.39 3.50
N SER B 271 -0.47 4.14 2.52
CA SER B 271 -0.38 5.03 1.35
C SER B 271 -1.74 5.19 0.68
N CYS B 272 -2.40 4.07 0.38
CA CYS B 272 -3.67 4.13 -0.35
C CYS B 272 -4.73 4.85 0.48
N SER B 273 -4.75 4.63 1.80
CA SER B 273 -5.75 5.23 2.67
C SER B 273 -5.52 6.73 2.84
N LEU B 274 -4.29 7.13 3.15
CA LEU B 274 -4.00 8.57 3.27
C LEU B 274 -4.29 9.29 1.97
N ASN B 275 -3.88 8.72 0.85
CA ASN B 275 -4.11 9.35 -0.45
C ASN B 275 -5.61 9.42 -0.78
N SER B 276 -6.35 8.33 -0.51
CA SER B 276 -7.80 8.35 -0.74
C SER B 276 -8.47 9.41 0.12
N HIS B 277 -8.17 9.41 1.42
CA HIS B 277 -8.75 10.41 2.32
C HIS B 277 -8.42 11.82 1.85
N PHE B 278 -7.16 12.05 1.44
CA PHE B 278 -6.79 13.38 0.98
C PHE B 278 -7.62 13.81 -0.23
N LEU B 279 -7.80 12.90 -1.21
CA LEU B 279 -8.63 13.24 -2.36
C LEU B 279 -10.07 13.55 -1.96
N LEU B 280 -10.60 12.89 -0.93
CA LEU B 280 -11.98 13.14 -0.51
C LEU B 280 -12.13 14.49 0.19
N THR B 281 -11.07 15.00 0.82
CA THR B 281 -11.19 16.30 1.49
C THR B 281 -11.46 17.44 0.52
N SER B 282 -11.27 17.23 -0.79
CA SER B 282 -11.60 18.23 -1.79
C SER B 282 -13.09 18.30 -2.11
N VAL B 283 -13.86 17.30 -1.73
CA VAL B 283 -15.22 17.12 -2.24
C VAL B 283 -16.17 17.87 -1.32
N PRO B 284 -16.95 18.84 -1.83
CA PRO B 284 -17.86 19.63 -0.98
C PRO B 284 -19.17 18.91 -0.66
N LEU B 285 -19.08 17.87 0.15
CA LEU B 285 -20.30 17.25 0.65
C LEU B 285 -20.44 17.52 2.14
N PRO B 286 -21.67 17.57 2.66
CA PRO B 286 -21.86 17.86 4.09
C PRO B 286 -21.29 16.75 4.99
N SER B 287 -20.54 17.18 6.01
CA SER B 287 -19.99 16.27 7.02
C SER B 287 -19.14 15.18 6.39
N PHE B 288 -18.35 15.56 5.39
CA PHE B 288 -17.64 14.61 4.54
C PHE B 288 -16.28 15.22 4.20
N PRO B 289 -15.21 14.42 4.24
CA PRO B 289 -15.14 13.02 4.65
C PRO B 289 -15.01 12.86 6.17
N LEU B 290 -15.51 11.75 6.70
CA LEU B 290 -15.28 11.39 8.10
C LEU B 290 -13.79 11.46 8.42
N SER B 291 -13.46 12.01 9.59
CA SER B 291 -12.06 12.29 9.88
C SER B 291 -11.26 11.01 10.14
N ILE B 292 -9.94 11.11 9.97
CA ILE B 292 -9.00 10.10 10.45
C ILE B 292 -8.16 10.74 11.58
N ASP B 293 -7.34 9.91 12.23
CA ASP B 293 -6.40 10.39 13.25
C ASP B 293 -5.08 10.69 12.56
N ALA B 294 -4.89 11.95 12.15
CA ALA B 294 -3.72 12.29 11.35
C ALA B 294 -2.42 12.27 12.18
N ASN B 295 -2.49 12.69 13.45
CA ASN B 295 -1.32 12.60 14.33
C ASN B 295 -0.83 11.16 14.45
N ALA B 296 -1.74 10.21 14.68
CA ALA B 296 -1.35 8.81 14.81
C ALA B 296 -0.76 8.28 13.49
N ALA B 297 -1.31 8.71 12.35
CA ALA B 297 -0.77 8.26 11.08
C ALA B 297 0.61 8.82 10.82
N LEU B 298 0.85 10.08 11.21
CA LEU B 298 2.19 10.63 11.06
C LEU B 298 3.17 9.91 11.96
N ARG B 299 2.76 9.60 13.21
CA ARG B 299 3.65 8.87 14.11
C ARG B 299 3.99 7.50 13.55
N TRP B 300 3.00 6.76 13.04
CA TRP B 300 3.27 5.45 12.48
C TRP B 300 4.25 5.56 11.31
N THR B 301 4.04 6.55 10.44
CA THR B 301 4.91 6.75 9.28
C THR B 301 6.37 6.91 9.69
N VAL B 302 6.66 7.82 10.61
CA VAL B 302 8.07 8.09 10.92
C VAL B 302 8.70 6.94 11.69
N LEU B 303 7.89 6.17 12.44
CA LEU B 303 8.45 5.04 13.18
C LEU B 303 8.87 3.89 12.28
N GLN B 304 8.42 3.86 11.02
CA GLN B 304 8.84 2.82 10.09
C GLN B 304 10.18 3.12 9.42
N GLN B 305 10.81 4.27 9.66
CA GLN B 305 12.12 4.48 9.06
C GLN B 305 13.18 3.74 9.87
N GLY B 306 13.98 2.93 9.18
CA GLY B 306 14.91 2.06 9.85
C GLY B 306 16.10 2.81 10.47
N GLU B 307 16.79 2.09 11.34
CA GLU B 307 17.96 2.59 12.07
C GLU B 307 19.16 2.72 11.15
N PRO B 308 20.22 3.41 11.60
CA PRO B 308 21.43 3.52 10.76
C PRO B 308 22.02 2.18 10.33
N ILE B 309 21.97 1.15 11.18
CA ILE B 309 22.55 -0.12 10.79
C ILE B 309 21.79 -0.76 9.62
N GLU B 310 20.53 -0.41 9.40
CA GLU B 310 19.79 -0.88 8.24
C GLU B 310 19.63 0.21 7.17
N GLY B 311 20.51 1.22 7.18
CA GLY B 311 20.63 2.17 6.09
C GLY B 311 19.57 3.25 6.02
N GLY B 312 18.69 3.36 7.00
CA GLY B 312 17.67 4.39 6.94
C GLY B 312 16.56 4.18 5.92
N GLY B 313 16.43 2.99 5.34
CA GLY B 313 15.27 2.69 4.52
C GLY B 313 14.03 2.48 5.37
N PHE B 314 12.86 2.41 4.72
CA PHE B 314 11.59 2.17 5.41
C PHE B 314 11.22 0.70 5.38
N ARG B 315 10.62 0.22 6.49
CA ARG B 315 9.94 -1.06 6.52
C ARG B 315 8.45 -0.82 6.25
N GLY B 316 7.76 -1.90 5.87
CA GLY B 316 6.35 -1.81 5.53
C GLY B 316 5.41 -2.07 6.69
N ARG B 317 5.91 -2.70 7.77
CA ARG B 317 5.10 -2.89 8.97
C ARG B 317 6.03 -3.21 10.13
N THR B 318 5.52 -3.00 11.34
CA THR B 318 6.31 -3.19 12.56
C THR B 318 6.93 -4.59 12.62
N ASN B 319 8.23 -4.64 12.93
CA ASN B 319 8.99 -5.86 13.17
C ASN B 319 9.17 -6.72 11.92
N LYS B 320 9.03 -6.15 10.73
CA LYS B 320 9.45 -6.76 9.48
C LYS B 320 10.65 -5.97 8.93
N LEU B 321 11.02 -6.22 7.68
CA LEU B 321 12.31 -5.74 7.17
C LEU B 321 12.20 -4.49 6.31
N VAL B 322 13.27 -3.67 6.32
CA VAL B 322 13.34 -2.52 5.41
C VAL B 322 13.39 -3.00 3.96
N ASP B 323 12.87 -2.18 3.06
CA ASP B 323 12.72 -2.55 1.65
C ASP B 323 12.58 -1.26 0.85
N GLY B 324 13.38 -1.13 -0.22
CA GLY B 324 13.41 0.12 -0.98
C GLY B 324 12.06 0.57 -1.53
N CYS B 325 11.16 -0.36 -1.84
CA CYS B 325 9.89 0.13 -2.42
C CYS B 325 9.07 0.94 -1.43
N TYR B 326 9.27 0.76 -0.13
CA TYR B 326 8.54 1.57 0.85
C TYR B 326 9.06 2.99 0.94
N SER B 327 10.14 3.34 0.23
CA SER B 327 10.47 4.74 0.09
C SER B 327 9.31 5.52 -0.51
N TRP B 328 8.62 4.92 -1.49
CA TRP B 328 7.40 5.55 -2.01
C TRP B 328 6.21 5.32 -1.09
N TRP B 329 5.91 4.05 -0.75
CA TRP B 329 4.64 3.78 -0.07
C TRP B 329 4.59 4.44 1.30
N VAL B 330 5.68 4.43 2.05
CA VAL B 330 5.69 5.07 3.36
C VAL B 330 6.23 6.48 3.28
N GLY B 331 7.41 6.67 2.67
CA GLY B 331 7.94 8.01 2.52
C GLY B 331 6.99 8.94 1.79
N GLY B 332 6.38 8.47 0.70
CA GLY B 332 5.47 9.30 -0.07
C GLY B 332 4.18 9.63 0.64
N GLY B 333 3.84 8.90 1.69
CA GLY B 333 2.70 9.28 2.50
C GLY B 333 2.99 10.36 3.51
N ALA B 334 4.27 10.63 3.78
CA ALA B 334 4.62 11.62 4.79
C ALA B 334 4.10 13.01 4.49
N PRO B 335 4.23 13.55 3.27
CA PRO B 335 3.69 14.90 3.02
C PRO B 335 2.18 14.98 3.16
N VAL B 336 1.48 13.88 2.88
CA VAL B 336 0.03 13.87 3.02
C VAL B 336 -0.36 13.90 4.50
N ALA B 337 0.27 13.04 5.30
CA ALA B 337 0.02 13.05 6.75
C ALA B 337 0.38 14.40 7.36
N GLU B 338 1.49 14.98 6.93
CA GLU B 338 1.91 16.29 7.43
C GLU B 338 0.85 17.35 7.16
N GLU B 339 0.29 17.37 5.95
CA GLU B 339 -0.71 18.38 5.62
C GLU B 339 -1.98 18.18 6.43
N LEU B 340 -2.39 16.93 6.64
CA LEU B 340 -3.57 16.68 7.46
C LEU B 340 -3.35 17.11 8.90
N VAL B 341 -2.15 16.88 9.43
CA VAL B 341 -1.82 17.36 10.77
C VAL B 341 -1.87 18.89 10.82
N ARG B 342 -1.30 19.55 9.81
CA ARG B 342 -1.30 21.01 9.78
C ARG B 342 -2.72 21.55 9.78
N ARG B 343 -3.61 20.93 9.00
CA ARG B 343 -5.00 21.38 8.95
C ARG B 343 -5.68 21.25 10.31
N GLU B 344 -5.39 20.16 11.05
CA GLU B 344 -6.05 19.98 12.33
C GLU B 344 -5.56 20.98 13.36
N LYS B 345 -4.24 21.22 13.40
CA LYS B 345 -3.73 22.29 14.26
C LYS B 345 -4.36 23.63 13.90
N SER B 346 -4.47 23.91 12.60
CA SER B 346 -5.12 25.13 12.15
C SER B 346 -6.56 25.23 12.65
N ARG B 347 -7.32 24.13 12.55
CA ARG B 347 -8.72 24.17 12.95
C ARG B 347 -8.87 24.46 14.43
N LYS B 348 -7.93 23.98 15.26
CA LYS B 348 -8.01 24.24 16.68
C LYS B 348 -7.72 25.70 17.01
N VAL B 349 -6.91 26.38 16.19
CA VAL B 349 -6.57 27.77 16.44
C VAL B 349 -7.34 28.70 15.49
N ILE B 371 9.83 24.73 9.19
CA ILE B 371 9.61 23.52 9.98
C ILE B 371 10.68 22.49 9.61
N PRO B 372 11.17 21.74 10.61
CA PRO B 372 12.18 20.72 10.31
C PRO B 372 11.57 19.55 9.57
N PRO B 373 12.38 18.81 8.79
CA PRO B 373 11.84 17.66 8.05
C PRO B 373 11.23 16.64 9.01
N ILE B 374 10.20 15.95 8.53
CA ILE B 374 9.47 15.04 9.40
C ILE B 374 10.03 13.61 9.39
N PHE B 375 10.72 13.21 8.32
CA PHE B 375 11.51 11.98 8.32
C PHE B 375 12.93 12.33 7.87
N ASN B 376 13.84 11.37 8.02
CA ASN B 376 15.25 11.65 7.71
C ASN B 376 15.42 11.60 6.19
N ARG B 377 15.30 12.79 5.57
CA ARG B 377 15.41 12.90 4.11
C ARG B 377 16.79 12.54 3.61
N VAL B 378 17.83 12.74 4.43
CA VAL B 378 19.18 12.38 4.01
C VAL B 378 19.38 10.87 4.04
N ALA B 379 19.00 10.21 5.15
CA ALA B 379 19.22 8.77 5.28
C ALA B 379 18.47 7.99 4.22
N LEU B 380 17.26 8.43 3.87
CA LEU B 380 16.50 7.71 2.84
C LEU B 380 17.21 7.77 1.49
N GLN B 381 17.81 8.91 1.16
CA GLN B 381 18.58 8.98 -0.09
C GLN B 381 19.79 8.06 -0.03
N GLU B 382 20.46 8.01 1.12
CA GLU B 382 21.61 7.12 1.28
C GLU B 382 21.22 5.66 1.09
N PHE B 383 20.08 5.25 1.66
CA PHE B 383 19.59 3.89 1.39
C PHE B 383 19.43 3.67 -0.11
N THR B 384 18.83 4.64 -0.81
CA THR B 384 18.56 4.45 -2.23
C THR B 384 19.87 4.30 -3.01
N LEU B 385 20.83 5.20 -2.74
CA LEU B 385 22.06 5.23 -3.52
C LEU B 385 22.98 4.06 -3.18
N VAL B 386 23.09 3.72 -1.90
CA VAL B 386 24.08 2.75 -1.42
C VAL B 386 23.53 1.33 -1.47
N ALA B 387 22.28 1.10 -1.06
CA ALA B 387 21.78 -0.25 -0.89
C ALA B 387 20.81 -0.70 -1.98
N ALA B 388 20.04 0.21 -2.57
CA ALA B 388 18.94 -0.21 -3.45
C ALA B 388 19.31 -0.26 -4.93
N GLN B 389 20.46 0.28 -5.33
CA GLN B 389 20.90 0.16 -6.71
C GLN B 389 21.53 -1.20 -6.95
N GLN B 390 21.23 -1.79 -8.11
CA GLN B 390 22.00 -2.96 -8.55
C GLN B 390 23.49 -2.64 -8.54
N ASP B 391 24.28 -3.66 -8.22
CA ASP B 391 25.73 -3.48 -8.23
C ASP B 391 26.20 -2.98 -9.59
N PRO B 392 27.21 -2.12 -9.64
CA PRO B 392 27.59 -1.49 -10.92
C PRO B 392 28.17 -2.47 -11.92
N GLY B 393 28.05 -2.11 -13.19
CA GLY B 393 28.58 -2.92 -14.28
C GLY B 393 27.73 -4.13 -14.62
N SER B 394 26.45 -4.09 -14.27
CA SER B 394 25.57 -5.24 -14.29
C SER B 394 24.32 -4.84 -15.07
N THR B 395 23.21 -5.51 -14.79
CA THR B 395 21.94 -5.25 -15.46
C THR B 395 21.39 -3.83 -15.23
N GLY B 396 21.85 -3.12 -14.19
CA GLY B 396 21.08 -1.95 -13.77
C GLY B 396 19.78 -2.32 -13.04
N GLY B 397 18.99 -1.30 -12.73
CA GLY B 397 17.76 -1.46 -11.99
C GLY B 397 17.97 -1.27 -10.49
N LEU B 398 16.85 -1.02 -9.79
CA LEU B 398 16.89 -0.91 -8.33
C LEU B 398 16.05 -2.03 -7.73
N ARG B 399 16.26 -2.28 -6.44
CA ARG B 399 15.88 -3.54 -5.81
C ARG B 399 15.32 -3.30 -4.41
N ASP B 400 14.82 -4.40 -3.83
CA ASP B 400 14.33 -4.42 -2.46
C ASP B 400 15.46 -4.18 -1.46
N LYS B 401 16.46 -5.05 -1.49
CA LYS B 401 17.57 -5.10 -0.55
C LYS B 401 18.77 -5.69 -1.28
N PRO B 402 19.99 -5.51 -0.76
CA PRO B 402 21.12 -6.29 -1.28
C PRO B 402 20.80 -7.78 -1.27
N GLY B 403 21.28 -8.50 -2.30
CA GLY B 403 20.97 -9.90 -2.44
C GLY B 403 19.67 -10.21 -3.16
N LYS B 404 18.89 -9.21 -3.53
CA LYS B 404 17.67 -9.39 -4.31
C LYS B 404 17.88 -8.88 -5.73
N ARG B 405 17.28 -9.56 -6.70
CA ARG B 405 17.36 -9.09 -8.09
C ARG B 405 16.56 -7.80 -8.26
N PRO B 406 17.05 -6.86 -9.06
CA PRO B 406 16.23 -5.67 -9.38
C PRO B 406 15.04 -6.05 -10.26
N ASP B 407 14.02 -5.19 -10.23
CA ASP B 407 12.84 -5.38 -11.07
C ASP B 407 12.21 -4.02 -11.33
N GLN B 408 11.27 -4.00 -12.28
CA GLN B 408 10.67 -2.73 -12.68
C GLN B 408 9.87 -2.09 -11.55
N TYR B 409 9.24 -2.91 -10.70
CA TYR B 409 8.43 -2.38 -9.61
C TYR B 409 9.30 -1.69 -8.56
N HIS B 410 10.44 -2.30 -8.18
CA HIS B 410 11.33 -1.64 -7.24
C HIS B 410 12.08 -0.47 -7.88
N THR B 411 12.27 -0.49 -9.19
CA THR B 411 12.89 0.66 -9.84
C THR B 411 11.97 1.87 -9.74
N CYS B 412 10.69 1.68 -10.09
CA CYS B 412 9.72 2.78 -10.01
C CYS B 412 9.59 3.30 -8.58
N ASN B 413 9.44 2.40 -7.61
CA ASN B 413 9.08 2.88 -6.29
C ASN B 413 10.30 3.38 -5.50
N ASN B 414 11.50 2.80 -5.68
CA ASN B 414 12.70 3.44 -5.12
C ASN B 414 12.85 4.86 -5.66
N LEU B 415 12.69 5.05 -6.98
CA LEU B 415 12.91 6.38 -7.55
C LEU B 415 11.82 7.36 -7.12
N SER B 416 10.57 6.89 -7.06
CA SER B 416 9.49 7.78 -6.59
C SER B 416 9.75 8.25 -5.17
N GLY B 417 10.20 7.34 -4.29
CA GLY B 417 10.51 7.74 -2.93
C GLY B 417 11.75 8.63 -2.85
N LEU B 418 12.77 8.33 -3.64
CA LEU B 418 13.94 9.20 -3.72
C LEU B 418 13.52 10.62 -4.08
N SER B 419 12.57 10.77 -5.01
CA SER B 419 12.12 12.11 -5.41
C SER B 419 11.48 12.85 -4.24
N ILE B 420 10.63 12.17 -3.46
CA ILE B 420 10.01 12.79 -2.30
C ILE B 420 11.06 13.23 -1.28
N ALA B 421 12.13 12.45 -1.13
CA ALA B 421 13.20 12.80 -0.20
C ALA B 421 14.00 14.00 -0.70
N GLN B 422 14.27 14.06 -2.00
CA GLN B 422 15.10 15.15 -2.55
C GLN B 422 14.37 16.48 -2.56
N HIS B 423 13.06 16.48 -2.76
CA HIS B 423 12.28 17.69 -2.97
C HIS B 423 11.22 17.82 -1.87
N LYS B 424 11.25 18.93 -1.14
CA LYS B 424 10.27 19.15 -0.07
C LYS B 424 8.92 19.52 -0.67
N MET B 425 7.96 18.61 -0.60
CA MET B 425 6.64 18.82 -1.19
C MET B 425 5.65 19.26 -0.13
N SER B 426 4.79 20.20 -0.47
CA SER B 426 3.72 20.56 0.45
C SER B 426 2.50 20.98 -0.35
N HIS B 427 1.35 20.94 0.30
CA HIS B 427 0.09 21.34 -0.32
C HIS B 427 -0.17 22.79 0.08
N SER B 428 -0.23 23.68 -0.90
CA SER B 428 -0.15 25.11 -0.64
C SER B 428 -1.53 25.76 -0.66
N PRO B 429 -2.05 26.26 0.48
CA PRO B 429 -3.36 26.93 0.45
C PRO B 429 -3.41 28.13 -0.48
N SER B 430 -2.33 28.93 -0.53
CA SER B 430 -2.33 30.07 -1.44
C SER B 430 -2.35 29.61 -2.90
N THR B 431 -1.71 28.48 -3.21
CA THR B 431 -1.75 27.96 -4.57
C THR B 431 -3.16 27.49 -4.92
N VAL B 432 -3.81 26.78 -4.00
CA VAL B 432 -5.20 26.37 -4.22
C VAL B 432 -6.08 27.59 -4.42
N SER B 433 -5.86 28.65 -3.63
CA SER B 433 -6.64 29.87 -3.80
C SER B 433 -6.43 30.48 -5.17
N SER B 434 -5.19 30.49 -5.65
CA SER B 434 -4.93 31.01 -6.99
CA SER B 434 -4.91 31.00 -6.99
C SER B 434 -5.60 30.15 -8.06
N ASN B 435 -5.64 28.83 -7.85
CA ASN B 435 -6.31 27.93 -8.78
C ASN B 435 -7.81 28.21 -8.83
N ARG B 436 -8.45 28.36 -7.67
CA ARG B 436 -9.87 28.72 -7.64
C ARG B 436 -10.13 29.99 -8.45
N LEU B 437 -9.25 30.98 -8.33
CA LEU B 437 -9.44 32.25 -9.01
C LEU B 437 -9.37 32.15 -10.53
N LYS B 438 -8.68 31.15 -11.07
CA LYS B 438 -8.56 31.05 -12.51
C LYS B 438 -9.48 30.01 -13.12
N PHE B 439 -10.15 29.19 -12.31
CA PHE B 439 -11.01 28.13 -12.85
C PHE B 439 -12.16 28.74 -13.64
N ASP B 440 -12.47 28.10 -14.77
CA ASP B 440 -13.56 28.52 -15.66
C ASP B 440 -14.65 27.45 -15.62
N ALA B 441 -15.68 27.66 -14.82
CA ALA B 441 -16.75 26.68 -14.68
C ALA B 441 -17.62 26.57 -15.91
N SER B 442 -17.53 27.48 -16.87
CA SER B 442 -18.34 27.37 -18.08
C SER B 442 -17.73 26.45 -19.12
N LYS B 443 -16.53 25.92 -18.88
CA LYS B 443 -15.88 24.97 -19.79
C LYS B 443 -15.85 23.59 -19.15
N GLY B 444 -16.08 22.56 -19.94
CA GLY B 444 -15.95 21.20 -19.44
C GLY B 444 -16.64 20.21 -20.34
N LEU B 445 -16.40 18.93 -20.04
CA LEU B 445 -16.96 17.81 -20.79
C LEU B 445 -18.38 17.51 -20.27
N PRO B 446 -19.16 16.72 -21.01
CA PRO B 446 -20.56 16.47 -20.58
C PRO B 446 -20.62 15.83 -19.20
N ALA B 447 -21.58 16.27 -18.41
CA ALA B 447 -21.78 15.72 -17.08
C ALA B 447 -22.08 14.23 -17.16
N VAL B 448 -21.54 13.49 -16.19
CA VAL B 448 -21.90 12.09 -16.03
C VAL B 448 -23.39 11.97 -15.78
N LYS B 449 -24.00 10.95 -16.39
CA LYS B 449 -25.39 10.60 -16.09
C LYS B 449 -25.40 9.57 -14.98
N PRO B 450 -25.96 9.88 -13.81
CA PRO B 450 -25.90 8.92 -12.69
C PRO B 450 -26.74 7.68 -12.96
N VAL B 451 -26.38 6.61 -12.25
CA VAL B 451 -27.12 5.35 -12.36
C VAL B 451 -28.48 5.47 -11.70
N ALA B 452 -28.53 6.10 -10.52
CA ALA B 452 -29.81 6.33 -9.86
C ALA B 452 -30.28 7.76 -10.10
N PRO B 453 -31.60 7.97 -10.19
CA PRO B 453 -32.11 9.30 -10.56
C PRO B 453 -31.63 10.43 -9.67
N GLY B 454 -31.60 10.23 -8.35
CA GLY B 454 -31.13 11.29 -7.47
C GLY B 454 -29.66 11.19 -7.09
N GLY B 455 -28.88 10.46 -7.89
CA GLY B 455 -27.48 10.22 -7.54
C GLY B 455 -26.49 11.28 -7.95
N GLY B 456 -26.92 12.32 -8.67
CA GLY B 456 -26.03 13.37 -9.11
C GLY B 456 -25.98 14.54 -8.15
N TRP B 457 -25.28 15.59 -8.57
CA TRP B 457 -25.29 16.83 -7.82
C TRP B 457 -26.65 17.52 -7.92
N LYS B 458 -26.97 18.33 -6.91
CA LYS B 458 -28.31 18.89 -6.81
C LYS B 458 -28.64 19.82 -7.97
N ASN B 459 -27.68 20.65 -8.38
CA ASN B 459 -27.89 21.64 -9.43
C ASN B 459 -26.53 22.04 -9.97
N GLU B 460 -26.52 22.95 -10.95
CA GLU B 460 -25.26 23.31 -11.58
C GLU B 460 -24.36 24.11 -10.64
N ASP B 461 -24.93 24.94 -9.78
CA ASP B 461 -24.11 25.65 -8.81
C ASP B 461 -23.30 24.68 -7.96
N GLU B 462 -23.92 23.59 -7.50
CA GLU B 462 -23.19 22.66 -6.65
C GLU B 462 -22.22 21.81 -7.44
N ARG B 463 -22.61 21.39 -8.65
CA ARG B 463 -21.68 20.58 -9.45
C ARG B 463 -20.46 21.38 -9.86
N GLN B 464 -20.66 22.65 -10.23
CA GLN B 464 -19.52 23.46 -10.63
C GLN B 464 -18.65 23.83 -9.44
N ASN B 465 -19.24 24.01 -8.26
CA ASN B 465 -18.44 24.22 -7.06
C ASN B 465 -17.59 22.99 -6.76
N ALA B 466 -18.15 21.80 -6.97
CA ALA B 466 -17.38 20.57 -6.78
C ALA B 466 -16.25 20.45 -7.81
N ARG B 467 -16.53 20.73 -9.09
CA ARG B 467 -15.47 20.67 -10.09
C ARG B 467 -14.33 21.62 -9.74
N ARG B 468 -14.67 22.86 -9.37
CA ARG B 468 -13.64 23.83 -9.01
C ARG B 468 -12.78 23.34 -7.86
N GLU B 469 -13.40 22.86 -6.77
CA GLU B 469 -12.62 22.46 -5.60
C GLU B 469 -11.74 21.26 -5.91
N ILE B 470 -12.27 20.29 -6.65
CA ILE B 470 -11.54 19.06 -6.89
C ILE B 470 -10.35 19.32 -7.81
N TRP B 471 -10.58 20.10 -8.87
CA TRP B 471 -9.49 20.50 -9.77
C TRP B 471 -8.46 21.36 -9.05
N ALA B 472 -8.92 22.35 -8.26
CA ALA B 472 -7.98 23.32 -7.69
C ALA B 472 -7.09 22.66 -6.64
N ASN B 473 -7.63 21.71 -5.89
CA ASN B 473 -6.84 21.00 -4.89
C ASN B 473 -5.94 19.95 -5.51
N ALA B 474 -6.39 19.31 -6.60
CA ALA B 474 -5.51 18.36 -7.28
C ALA B 474 -4.24 19.04 -7.76
N LEU B 475 -4.31 20.33 -8.07
CA LEU B 475 -3.17 21.10 -8.56
C LEU B 475 -2.52 21.96 -7.47
N GLY B 476 -2.71 21.59 -6.19
CA GLY B 476 -2.18 22.36 -5.08
C GLY B 476 -0.83 21.94 -4.52
N TRP B 477 -0.23 20.86 -5.01
CA TRP B 477 1.08 20.44 -4.51
C TRP B 477 2.19 21.26 -5.16
N ILE B 478 3.14 21.72 -4.35
CA ILE B 478 4.26 22.52 -4.83
C ILE B 478 5.55 21.95 -4.26
N GLU B 479 6.65 22.21 -4.97
CA GLU B 479 7.97 22.03 -4.40
C GLU B 479 8.37 23.31 -3.69
N GLU B 480 8.75 23.20 -2.43
CA GLU B 480 9.08 24.39 -1.65
C GLU B 480 10.43 24.97 -2.08
N GLU B 481 10.39 26.23 -2.48
CA GLU B 481 11.56 27.06 -2.75
C GLU B 481 12.61 26.92 -1.66
N GLY B 482 13.81 26.49 -2.04
CA GLY B 482 14.91 26.34 -1.10
C GLY B 482 14.89 25.08 -0.27
N GLY B 483 13.94 24.18 -0.46
CA GLY B 483 13.87 22.97 0.32
C GLY B 483 14.56 21.75 -0.26
N GLU B 484 15.29 21.91 -1.36
CA GLU B 484 15.92 20.78 -2.03
C GLU B 484 17.08 20.25 -1.19
N ILE B 485 17.22 18.93 -1.11
CA ILE B 485 18.38 18.28 -0.52
C ILE B 485 18.80 17.16 -1.47
N ILE B 486 19.92 17.34 -2.18
CA ILE B 486 20.38 16.33 -3.13
C ILE B 486 21.64 15.70 -2.54
N VAL B 487 21.47 14.55 -1.86
CA VAL B 487 22.61 13.85 -1.28
C VAL B 487 23.54 13.38 -2.39
N GLY B 488 24.84 13.63 -2.23
CA GLY B 488 25.84 13.17 -3.17
C GLY B 488 26.13 14.11 -4.32
N GLY B 489 25.43 15.24 -4.41
CA GLY B 489 25.69 16.21 -5.46
C GLY B 489 24.59 16.22 -6.50
N LYS B 490 24.61 17.28 -7.32
CA LYS B 490 23.47 17.58 -8.17
C LYS B 490 23.29 16.60 -9.32
N ASP B 491 24.34 15.84 -9.70
CA ASP B 491 24.12 14.80 -10.69
C ASP B 491 23.21 13.68 -10.19
N ASN B 492 22.96 13.57 -8.89
CA ASN B 492 22.00 12.60 -8.39
C ASN B 492 20.56 13.09 -8.44
N ARG B 493 20.32 14.33 -8.84
CA ARG B 493 18.96 14.88 -8.78
C ARG B 493 18.06 14.20 -9.80
N ILE B 494 16.86 13.81 -9.37
CA ILE B 494 15.84 13.36 -10.32
C ILE B 494 14.66 14.33 -10.28
N ASN B 495 13.68 14.12 -11.16
CA ASN B 495 12.57 15.05 -11.26
C ASN B 495 11.61 14.86 -10.09
N THR B 496 10.71 15.84 -9.93
CA THR B 496 9.81 15.95 -8.80
C THR B 496 8.51 15.22 -9.10
N THR B 497 8.15 14.25 -8.26
CA THR B 497 6.85 13.61 -8.45
C THR B 497 5.81 14.33 -7.59
N THR B 498 4.58 14.03 -7.91
CA THR B 498 3.49 14.63 -7.16
C THR B 498 3.04 13.64 -6.10
N PRO B 499 2.88 14.05 -4.83
CA PRO B 499 2.25 13.24 -3.81
C PRO B 499 0.79 12.96 -4.25
N VAL B 500 0.25 11.84 -3.79
CA VAL B 500 -1.12 11.35 -4.09
C VAL B 500 -1.21 10.72 -5.49
N PHE B 501 -0.83 11.43 -6.57
CA PHE B 501 -0.98 10.82 -7.89
C PHE B 501 0.22 9.99 -8.31
N ASN B 502 1.43 10.39 -7.91
CA ASN B 502 2.72 9.81 -8.34
C ASN B 502 2.93 9.87 -9.85
N ILE B 503 2.66 11.04 -10.45
CA ILE B 503 3.22 11.38 -11.76
C ILE B 503 3.80 12.78 -11.63
N LEU B 504 4.71 13.11 -12.55
CA LEU B 504 5.30 14.45 -12.51
C LEU B 504 4.21 15.51 -12.63
N GLY B 505 4.40 16.62 -11.92
CA GLY B 505 3.50 17.75 -12.08
C GLY B 505 3.39 18.24 -13.51
N LEU B 506 4.47 18.16 -14.30
CA LEU B 506 4.39 18.60 -15.69
C LEU B 506 3.57 17.65 -16.55
N ARG B 507 3.28 16.44 -16.07
CA ARG B 507 2.30 15.55 -16.71
C ARG B 507 0.90 15.76 -16.15
N LEU B 508 0.79 15.93 -14.83
CA LEU B 508 -0.51 16.04 -14.18
C LEU B 508 -1.27 17.27 -14.70
N LYS B 509 -0.59 18.41 -14.83
CA LYS B 509 -1.33 19.64 -15.11
C LYS B 509 -1.97 19.64 -16.49
N PRO B 510 -1.27 19.36 -17.60
CA PRO B 510 -1.96 19.34 -18.90
C PRO B 510 -2.97 18.21 -19.03
N PHE B 511 -2.77 17.10 -18.31
CA PHE B 511 -3.71 15.98 -18.36
C PHE B 511 -5.03 16.35 -17.70
N ILE B 512 -4.98 16.82 -16.45
CA ILE B 512 -6.24 17.16 -15.78
C ILE B 512 -6.86 18.39 -16.42
N ASN B 513 -6.06 19.32 -16.96
CA ASN B 513 -6.64 20.47 -17.66
C ASN B 513 -7.39 20.05 -18.90
N TYR B 514 -6.94 18.98 -19.56
CA TYR B 514 -7.65 18.48 -20.74
C TYR B 514 -9.07 18.04 -20.38
N PHE B 515 -9.20 17.23 -19.32
CA PHE B 515 -10.52 16.67 -19.01
C PHE B 515 -11.44 17.68 -18.36
N TYR B 516 -10.90 18.72 -17.74
CA TYR B 516 -11.75 19.78 -17.23
C TYR B 516 -11.87 20.95 -18.20
N CYS B 517 -11.25 20.86 -19.39
CA CYS B 517 -11.30 21.90 -20.42
C CYS B 517 -10.77 23.25 -19.92
N GLN B 518 -9.72 23.22 -19.12
CA GLN B 518 -9.07 24.44 -18.64
C GLN B 518 -7.79 24.68 -19.44
N GLU B 519 -7.33 25.92 -19.43
CA GLU B 519 -6.06 26.22 -20.10
C GLU B 519 -5.33 27.46 -19.57
C1 EDO C . 2.19 -11.66 1.94
O1 EDO C . 2.41 -11.23 3.29
C2 EDO C . 3.02 -12.91 1.72
O2 EDO C . 2.83 -13.36 0.38
C1 EDO D . -1.52 -14.48 -23.70
O1 EDO D . -2.92 -14.38 -23.48
C2 EDO D . -1.13 -15.86 -24.22
O2 EDO D . -1.67 -16.06 -25.54
C1 EDO E . 11.79 0.80 20.96
O1 EDO E . 12.08 2.09 21.50
C2 EDO E . 13.06 -0.04 21.01
O2 EDO E . 13.10 -0.98 19.94
C1 EDO F . 11.01 3.15 17.82
O1 EDO F . 11.46 2.05 17.04
C2 EDO F . 12.18 4.01 18.27
O2 EDO F . 13.04 3.26 19.13
C1 EDO G . -11.32 -26.77 4.65
O1 EDO G . -11.90 -25.96 5.66
C2 EDO G . -9.93 -27.20 5.07
O2 EDO G . -9.42 -28.09 4.09
C1 EDO H . -10.20 -4.81 26.91
O1 EDO H . -11.34 -4.84 27.78
C2 EDO H . -9.25 -5.96 27.22
O2 EDO H . -9.90 -7.22 27.05
C1 EDO I . -10.35 -13.80 -8.35
O1 EDO I . -10.46 -14.68 -7.24
C2 EDO I . -10.33 -12.36 -7.86
O2 EDO I . -10.30 -11.50 -9.02
C1 EDO J . -0.25 -1.75 -30.65
O1 EDO J . 0.23 -3.10 -30.68
C2 EDO J . 0.84 -0.87 -31.27
O2 EDO J . 1.33 -1.52 -32.45
C1 EDO K . -20.18 -11.67 18.76
O1 EDO K . -20.52 -11.18 17.46
C2 EDO K . -20.87 -13.00 19.05
O2 EDO K . -19.99 -14.07 18.71
C1 EDO L . -19.96 -33.42 -7.14
O1 EDO L . -19.18 -34.42 -6.47
C2 EDO L . -19.36 -33.15 -8.52
O2 EDO L . -18.43 -32.05 -8.48
C1 EDO M . 4.66 -17.70 15.75
O1 EDO M . 4.67 -16.27 15.73
C2 EDO M . 5.68 -18.21 14.74
O2 EDO M . 5.43 -19.59 14.42
C1 EDO N . -22.25 -24.11 -24.92
O1 EDO N . -22.07 -24.88 -26.13
C2 EDO N . -22.54 -22.64 -25.21
O2 EDO N . -21.38 -22.04 -25.85
C1 EDO O . -12.04 -12.30 30.72
O1 EDO O . -11.93 -12.42 29.29
C2 EDO O . -11.64 -10.89 31.15
O2 EDO O . -10.25 -10.67 30.87
C1 EDO P . -8.04 -29.10 -21.07
O1 EDO P . -9.11 -29.96 -21.48
C2 EDO P . -6.91 -29.20 -22.08
O2 EDO P . -6.64 -30.59 -22.33
C1 EDO Q . 11.21 -15.03 22.74
O1 EDO Q . 10.54 -14.80 23.98
C2 EDO Q . 10.28 -15.76 21.80
O2 EDO Q . 9.00 -15.12 21.85
C1 EDO R . -22.78 -32.03 -10.25
O1 EDO R . -24.03 -32.72 -10.13
C2 EDO R . -21.91 -32.75 -11.28
O2 EDO R . -20.57 -32.25 -11.23
C1 EDO S . -3.86 -29.58 4.71
O1 EDO S . -4.98 -30.46 4.69
C2 EDO S . -3.38 -29.38 3.27
O2 EDO S . -2.15 -28.66 3.27
C1 EDO T . -5.22 -20.24 0.31
O1 EDO T . -5.20 -21.49 0.98
C2 EDO T . -5.35 -20.51 -1.18
O2 EDO T . -4.29 -21.37 -1.67
C1 EDO U . -8.47 -33.60 -24.40
O1 EDO U . -7.57 -32.68 -23.81
C2 EDO U . -7.74 -34.53 -25.37
O2 EDO U . -8.69 -35.31 -26.14
C1 EDO V . -15.84 -26.28 4.12
O1 EDO V . -16.96 -26.99 4.65
C2 EDO V . -15.14 -25.53 5.24
O2 EDO V . -14.45 -26.45 6.08
C1 EDO W . 1.36 -22.49 17.11
O1 EDO W . 0.41 -22.46 18.17
C2 EDO W . 2.70 -22.00 17.63
O2 EDO W . 3.62 -21.94 16.53
C1 EDO X . 6.06 23.67 32.42
O1 EDO X . 4.63 23.57 32.39
C2 EDO X . 6.62 22.85 33.58
O2 EDO X . 7.33 21.70 33.08
C1 EDO Y . -1.11 -7.79 -7.24
O1 EDO Y . -0.65 -9.14 -7.17
C2 EDO Y . -2.13 -7.71 -8.38
O2 EDO Y . -3.06 -8.80 -8.30
C1 EDO Z . 8.98 -13.34 6.73
O1 EDO Z . 7.78 -13.59 7.49
C2 EDO Z . 8.77 -13.65 5.24
O2 EDO Z . 8.66 -12.45 4.49
C1 EDO AA . -9.58 -10.13 3.08
O1 EDO AA . -9.66 -11.52 2.75
C2 EDO AA . -10.89 -9.72 3.72
O2 EDO AA . -10.74 -8.41 4.27
C1 EDO BA . 14.48 22.62 24.76
O1 EDO BA . 14.57 21.57 25.73
C2 EDO BA . 13.05 23.16 24.77
O2 EDO BA . 12.77 23.68 26.07
C1 EDO CA . -24.68 -12.13 6.26
O1 EDO CA . -25.36 -11.13 7.04
C2 EDO CA . -23.25 -11.72 5.96
O2 EDO CA . -22.46 -11.59 7.15
C1 EDO DA . -22.83 -26.95 2.77
O1 EDO DA . -23.32 -25.93 1.90
C2 EDO DA . -22.61 -26.36 4.15
O2 EDO DA . -21.62 -27.14 4.83
ZN ZN EA . 9.63 -4.22 -2.08
OAA 3FX FA . 28.31 20.88 -7.04
OAB 3FX FA . 26.80 19.13 -6.64
OAC 3FX FA . 27.22 17.17 -9.40
OAD 3FX FA . 26.81 20.22 -8.88
CAE 3FX FA . 31.47 12.45 -12.05
CAF 3FX FA . 32.09 13.76 -11.57
CAG 3FX FA . 30.53 11.83 -11.00
CAH 3FX FA . 31.02 14.76 -11.09
CAI 3FX FA . 29.45 12.82 -10.56
CAJ 3FX FA . 29.44 16.25 -9.12
CAK 3FX FA . 28.92 18.52 -8.20
NAL 3FX FA . 28.94 15.11 -9.88
CAM 3FX FA . 28.58 17.50 -9.29
CAN 3FX FA . 30.03 14.15 -10.07
SAO 3FX FA . 27.64 19.71 -7.73
OAA 3FX GA . 26.90 4.30 -14.20
OAB 3FX GA . 24.72 4.84 -15.22
OAC 3FX GA . 28.89 3.97 -15.98
OAD 3FX GA . 26.28 6.58 -15.07
CAE 3FX GA . 33.45 5.10 -20.48
CAF 3FX GA . 33.08 3.62 -20.51
CAG 3FX GA . 32.21 5.99 -20.64
CAH 3FX GA . 32.04 3.28 -19.44
CAI 3FX GA . 31.21 5.71 -19.53
CAJ 3FX GA . 28.69 3.92 -18.37
CAK 3FX GA . 26.79 4.67 -16.95
NAL 3FX GA . 30.13 4.03 -18.16
CAM 3FX GA . 27.99 3.71 -17.02
CAN 3FX GA . 30.83 4.23 -19.43
SAO 3FX GA . 26.20 5.09 -15.28
OAA 3FX HA . -17.98 -5.30 -25.19
OAB 3FX HA . -17.95 -6.35 -22.93
OAC 3FX HA . -16.93 -8.24 -24.02
OAD 3FX HA . -16.97 -4.12 -23.44
CAE 3FX HA . -12.57 -12.92 -21.73
CAF 3FX HA . -12.80 -13.04 -23.23
CAG 3FX HA . -12.22 -11.50 -21.31
CAH 3FX HA . -13.87 -12.07 -23.70
CAI 3FX HA . -13.21 -10.45 -21.82
CAJ 3FX HA . -14.57 -8.47 -23.69
CAK 3FX HA . -15.56 -6.29 -24.31
NAL 3FX HA . -14.85 -9.88 -23.49
CAM 3FX HA . -15.68 -7.80 -24.49
CAN 3FX HA . -13.61 -10.62 -23.28
SAO 3FX HA . -17.17 -5.53 -23.93
C1 EDO IA . -16.80 17.04 -9.78
O1 EDO IA . -17.61 16.11 -9.02
C2 EDO IA . -15.56 16.31 -10.34
O2 EDO IA . -15.99 15.21 -11.17
C1 EDO JA . 17.03 14.46 -22.60
O1 EDO JA . 16.01 14.57 -21.59
C2 EDO JA . 16.58 13.52 -23.73
O2 EDO JA . 16.27 12.24 -23.17
C1 EDO KA . -20.16 15.03 -12.73
O1 EDO KA . -19.63 14.56 -13.98
C2 EDO KA . -19.18 16.05 -12.13
O2 EDO KA . -18.86 17.07 -13.07
C1 EDO LA . -3.91 -6.01 -10.89
O1 EDO LA . -2.88 -5.44 -11.72
C2 EDO LA . -4.80 -6.92 -11.72
O2 EDO LA . -4.03 -8.04 -12.20
C1 EDO MA . 11.99 1.28 13.64
O1 EDO MA . 11.74 1.13 12.23
C2 EDO MA . 13.47 1.55 13.92
O2 EDO MA . 13.91 2.77 13.32
C1 EDO NA . 9.65 16.04 2.26
O1 EDO NA . 9.08 16.53 3.47
C2 EDO NA . 8.51 15.44 1.47
O2 EDO NA . 8.65 15.86 0.11
C1 EDO OA . -9.08 -4.88 -28.95
O1 EDO OA . -9.40 -3.94 -27.92
C2 EDO OA . -9.46 -6.29 -28.49
O2 EDO OA . -8.47 -6.79 -27.58
C1 EDO PA . -19.77 11.80 -22.17
O1 EDO PA . -21.07 11.33 -21.84
C2 EDO PA . -19.01 10.71 -22.93
O2 EDO PA . -18.52 9.73 -21.99
C1 EDO QA . 26.01 0.88 8.33
O1 EDO QA . 26.09 0.48 9.70
C2 EDO QA . 25.96 2.39 8.25
O2 EDO QA . 27.21 3.00 8.62
C1 EDO RA . -26.56 18.14 -11.78
O1 EDO RA . -26.81 19.30 -12.58
C2 EDO RA . -25.68 17.13 -12.52
O2 EDO RA . -25.33 16.01 -11.68
C1 EDO SA . -7.13 5.87 15.73
O1 EDO SA . -7.70 4.58 15.99
C2 EDO SA . -5.75 5.71 15.09
O2 EDO SA . -4.81 5.22 16.05
C1 EDO TA . -1.78 19.21 -24.48
O1 EDO TA . -1.42 20.09 -23.40
C2 EDO TA . -0.70 18.14 -24.65
O2 EDO TA . -1.11 17.22 -25.66
C1 EDO UA . 1.24 29.01 1.87
O1 EDO UA . -0.05 29.07 1.26
C2 EDO UA . 2.08 27.90 1.24
O2 EDO UA . 2.31 28.18 -0.14
C1 EDO VA . -19.99 -4.80 -5.68
O1 EDO VA . -20.59 -5.35 -4.49
C2 EDO VA . -20.39 -5.69 -6.84
O2 EDO VA . -21.82 -5.83 -6.84
C1 EDO WA . -23.97 -0.23 -4.53
O1 EDO WA . -24.31 0.73 -3.52
C2 EDO WA . -24.80 0.00 -5.78
O2 EDO WA . -24.50 1.28 -6.33
C1 EDO XA . 8.07 14.25 -28.04
O1 EDO XA . 6.84 13.58 -27.70
C2 EDO XA . 9.14 13.20 -28.35
O2 EDO XA . 10.28 13.34 -27.50
C1 EDO YA . -19.81 19.54 -22.84
O1 EDO YA . -21.04 20.23 -22.57
C2 EDO YA . -19.46 19.59 -24.32
O2 EDO YA . -18.15 19.06 -24.51
C1 EDO ZA . -26.25 16.80 -3.34
O1 EDO ZA . -25.95 16.00 -2.19
C2 EDO ZA . -25.05 17.68 -3.64
O2 EDO ZA . -25.38 18.67 -4.64
C1 EDO AB . 1.28 20.14 -9.50
O1 EDO AB . 1.77 18.82 -9.29
C2 EDO AB . 1.09 20.41 -11.00
O2 EDO AB . 1.25 21.82 -11.22
C1 EDO BB . -26.40 5.63 -16.67
O1 EDO BB . -27.62 6.10 -16.06
C2 EDO BB . -26.59 4.19 -17.15
O2 EDO BB . -26.86 3.32 -16.06
C1 EDO CB . -7.77 24.59 0.69
O1 EDO CB . -8.13 23.21 0.56
C2 EDO CB . -6.27 24.70 0.95
O2 EDO CB . -5.93 23.97 2.13
C1 EDO DB . -8.99 -0.62 -30.38
O1 EDO DB . -9.74 0.48 -29.86
C2 EDO DB . -7.51 -0.32 -30.22
O2 EDO DB . -7.26 1.01 -30.72
C1 EDO EB . 9.50 14.14 -23.17
O1 EDO EB . 8.29 13.36 -23.21
C2 EDO EB . 9.31 15.53 -23.81
O2 EDO EB . 9.04 15.38 -25.21
C10 XO1 FB . 1.12 -6.11 -9.70
C21 XO1 FB . 3.99 -8.56 -5.00
C24 XO1 FB . 6.64 -7.16 -3.01
C01 XO1 FB . 8.07 -7.29 -10.30
C02 XO1 FB . 7.42 -8.08 -9.14
C03 XO1 FB . 6.93 -7.17 -8.01
C04 XO1 FB . 6.15 -7.98 -6.89
C05 XO1 FB . 5.60 -7.00 -5.73
C06 XO1 FB . 4.61 -6.06 -6.38
C08 XO1 FB . 2.36 -6.05 -7.65
C09 XO1 FB . 1.98 -6.74 -8.80
C11 XO1 FB . 0.67 -4.82 -9.46
C12 XO1 FB . 1.07 -4.12 -8.32
C14 XO1 FB . 1.30 -1.93 -7.30
C18 XO1 FB . 1.93 -4.75 -7.41
C19 XO1 FB . 2.94 -7.95 -6.02
C23 XO1 FB . 5.88 -8.25 -3.84
C25 XO1 FB . 7.90 -6.62 -3.31
C27 XO1 FB . 7.16 -5.67 -1.50
C29 XO1 FB . 4.97 -6.79 -1.14
C30 XO1 FB . 3.69 -6.41 -1.93
C31 XO1 FB . 2.56 -7.22 -1.85
C32 XO1 FB . 1.40 -6.87 -2.55
C33 XO1 FB . 1.38 -5.71 -3.33
C34 XO1 FB . 0.13 -5.30 -4.11
C36 XO1 FB . 2.51 -4.92 -3.40
C38 XO1 FB . 3.66 -5.26 -2.72
F15 XO1 FB . 2.62 -1.95 -7.61
F16 XO1 FB . 0.79 -0.68 -7.47
F17 XO1 FB . 1.19 -2.25 -5.98
F37 XO1 FB . 2.50 -3.79 -4.17
N07 XO1 FB . 3.29 -6.69 -6.68
N22 XO1 FB . 5.01 -7.68 -4.64
N26 XO1 FB . 8.19 -5.72 -2.37
N28 XO1 FB . 6.24 -6.53 -1.89
N35 XO1 FB . -0.79 -4.98 -4.70
O13 XO1 FB . 0.59 -2.81 -8.12
O20 XO1 FB . 1.90 -8.49 -6.24
C1 FPP GB . 2.67 -7.74 2.28
O1 FPP GB . 3.60 -8.39 1.43
C2 FPP GB . 2.03 -6.55 1.54
C3 FPP GB . 0.77 -6.51 1.12
C4 FPP GB . -0.22 -7.67 1.33
C5 FPP GB . 0.22 -5.27 0.38
C6 FPP GB . 1.28 -4.19 0.05
C7 FPP GB . 0.68 -3.15 -0.93
C8 FPP GB . 1.44 -2.25 -1.55
C10 FPP GB . 2.95 -2.19 -1.28
C9 FPP GB . 0.91 -1.19 -2.53
C11 FPP GB . -0.56 -1.30 -2.97
C12 FPP GB . -0.93 -0.03 -3.77
C13 FPP GB . -1.52 -0.01 -4.97
C14 FPP GB . -1.83 1.34 -5.63
C15 FPP GB . -1.93 -1.28 -5.72
PA FPP GB . 4.99 -9.05 2.02
O1A FPP GB . 4.75 -9.88 3.26
O2A FPP GB . 5.61 -9.84 0.90
O3A FPP GB . 6.02 -7.83 2.37
PB FPP GB . 6.43 -7.20 3.82
O1B FPP GB . 7.27 -8.24 4.54
O2B FPP GB . 5.20 -6.81 4.59
O3B FPP GB . 7.27 -5.98 3.44
C1 EDO HB . 3.12 -11.74 -9.15
O1 EDO HB . 4.20 -10.81 -9.16
C2 EDO HB . 1.82 -10.98 -8.96
O2 EDO HB . 1.33 -10.48 -10.21
C1 EDO IB . -22.96 27.44 -12.33
O1 EDO IB . -24.28 27.83 -11.94
C2 EDO IB . -22.08 28.68 -12.42
O2 EDO IB . -20.94 28.37 -13.22
C1 EDO JB . 11.41 -9.37 1.51
O1 EDO JB . 12.79 -9.26 1.14
C2 EDO JB . 11.25 -8.90 2.95
O2 EDO JB . 11.29 -7.46 3.06
C1 EDO KB . -5.88 14.40 14.92
O1 EDO KB . -4.76 13.61 15.28
C2 EDO KB . -5.68 14.89 13.49
O2 EDO KB . -6.75 14.44 12.66
C1 EDO LB . -15.10 -8.40 2.18
O1 EDO LB . -16.09 -8.51 3.23
C2 EDO LB . -15.12 -9.64 1.30
O2 EDO LB . -14.40 -9.38 0.09
C1 EDO MB . -23.27 -8.74 2.69
O1 EDO MB . -23.22 -9.78 3.67
C2 EDO MB . -23.04 -7.40 3.36
O2 EDO MB . -21.74 -6.89 3.01
#